data_7QUG
#
_entry.id   7QUG
#
_cell.length_a   106.049
_cell.length_b   106.049
_cell.length_c   204.062
_cell.angle_alpha   90.000
_cell.angle_beta   90.000
_cell.angle_gamma   90.000
#
_symmetry.space_group_name_H-M   'P 43 21 2'
#
loop_
_entity.id
_entity.type
_entity.pdbx_description
1 polymer 'carbon-sulfur lyase FnaPatB1'
2 non-polymer allyl-cysteine
3 non-polymer 'ACETATE ION'
4 non-polymer 'CACODYLATE ION'
5 water water
#
_entity_poly.entity_id   1
_entity_poly.type   'polypeptide(L)'
_entity_poly.pdbx_seq_one_letter_code
;MYNFDEIIDRRNTNAMNTDGFRSYIFHADENMKFPYKDEEFIRMWVADMEFATPQVIIDGIKERLDKRIFGYTKIFSNDY
YNAFSDWCQRRYGWNFEKKHLVMSNGIIPALYELVQYICKKDEKVLFLTPSYAYFKYAADFSNRTPICSDLIDNDGYYTI
DFEDFEKKAADEKTTLFILCNPHNPTGRVWKEEELKKLGKICEKYDVWVISDEIHCDLLRCDKQHIPLAKLFPNYKRIIT
CMAPSKTFNLAGLMISNVIIPDDNLREVWLSKHYNFDNPLSVAGAQAAYEKGEDWLKELQKYLDKNFEFTKEYLNKNLPK
AKFKISEATYLAWVNLEEYFDKTENLPIFFANKAGVLLEGGNMFVQNSDCFIRLNLACPKSILEKGLKRICKAVNEKHHH
HHH
;
_entity_poly.pdbx_strand_id   A,B
#
# COMPACT_ATOMS: atom_id res chain seq x y z
N MET A 1 -1.98 25.06 -22.92
CA MET A 1 -2.35 24.08 -23.93
C MET A 1 -3.17 22.94 -23.33
N TYR A 2 -3.90 23.21 -22.25
CA TYR A 2 -4.62 22.20 -21.48
C TYR A 2 -6.06 22.63 -21.30
N ASN A 3 -6.95 21.66 -21.15
CA ASN A 3 -8.38 21.96 -21.06
C ASN A 3 -8.91 21.62 -19.66
N PHE A 4 -8.64 22.52 -18.69
CA PHE A 4 -9.15 22.35 -17.34
C PHE A 4 -10.66 22.51 -17.25
N ASP A 5 -11.32 23.03 -18.28
CA ASP A 5 -12.78 23.08 -18.27
C ASP A 5 -13.40 21.74 -18.62
N GLU A 6 -12.61 20.80 -19.11
CA GLU A 6 -13.15 19.51 -19.52
C GLU A 6 -13.74 18.78 -18.32
N ILE A 7 -14.98 18.35 -18.47
CA ILE A 7 -15.62 17.51 -17.47
C ILE A 7 -15.14 16.06 -17.65
N ILE A 8 -14.81 15.42 -16.55
CA ILE A 8 -14.19 14.10 -16.54
C ILE A 8 -15.09 13.17 -15.74
N ASP A 9 -15.60 12.13 -16.40
CA ASP A 9 -16.48 11.18 -15.73
C ASP A 9 -15.68 10.43 -14.67
N ARG A 10 -16.32 10.22 -13.51
CA ARG A 10 -15.69 9.48 -12.44
C ARG A 10 -16.58 8.37 -11.93
N ARG A 11 -17.81 8.27 -12.44
CA ARG A 11 -18.65 7.12 -12.13
C ARG A 11 -17.98 5.82 -12.53
N ASN A 12 -18.13 4.81 -11.68
CA ASN A 12 -17.63 3.44 -11.92
C ASN A 12 -16.11 3.38 -11.99
N THR A 13 -15.44 4.05 -11.03
CA THR A 13 -14.00 4.05 -10.92
C THR A 13 -13.53 3.77 -9.50
N ASN A 14 -14.41 3.22 -8.68
CA ASN A 14 -14.14 2.91 -7.27
C ASN A 14 -13.56 4.11 -6.53
N ALA A 15 -13.93 5.31 -6.96
CA ALA A 15 -13.51 6.53 -6.29
C ALA A 15 -14.41 6.81 -5.07
N MET A 16 -13.78 7.04 -3.90
CA MET A 16 -14.54 7.37 -2.69
C MET A 16 -15.36 8.65 -2.85
N ASN A 17 -14.87 9.61 -3.64
CA ASN A 17 -15.56 10.87 -3.81
C ASN A 17 -16.98 10.64 -4.35
N THR A 18 -17.15 9.71 -5.30
CA THR A 18 -18.47 9.41 -5.84
C THR A 18 -19.20 8.34 -5.03
N ASP A 19 -18.47 7.34 -4.53
CA ASP A 19 -19.06 6.10 -4.08
C ASP A 19 -19.21 5.98 -2.57
N GLY A 20 -18.51 6.77 -1.77
CA GLY A 20 -18.58 6.57 -0.34
C GLY A 20 -18.82 7.78 0.54
N PHE A 21 -19.56 8.80 0.07
CA PHE A 21 -19.81 9.96 0.92
C PHE A 21 -20.72 9.67 2.10
N ARG A 22 -21.64 8.71 1.98
CA ARG A 22 -22.50 8.39 3.13
C ARG A 22 -21.65 7.99 4.33
N SER A 23 -20.66 7.11 4.13
CA SER A 23 -19.86 6.65 5.25
C SER A 23 -18.91 7.74 5.75
N TYR A 24 -18.14 8.35 4.86
CA TYR A 24 -17.09 9.22 5.34
C TYR A 24 -17.63 10.57 5.80
N ILE A 25 -18.65 11.10 5.15
CA ILE A 25 -19.21 12.36 5.62
C ILE A 25 -20.18 12.14 6.78
N PHE A 26 -21.13 11.22 6.62
CA PHE A 26 -22.25 11.12 7.52
C PHE A 26 -22.23 9.90 8.42
N HIS A 27 -21.20 9.06 8.33
CA HIS A 27 -21.07 7.86 9.16
C HIS A 27 -22.37 7.07 9.15
N ALA A 28 -23.01 7.06 7.98
CA ALA A 28 -24.31 6.45 7.74
C ALA A 28 -24.14 5.27 6.80
N ASP A 29 -25.16 4.43 6.72
CA ASP A 29 -25.03 3.27 5.87
C ASP A 29 -25.49 3.61 4.45
N GLU A 30 -25.23 2.70 3.53
CA GLU A 30 -25.39 2.98 2.11
C GLU A 30 -26.85 3.09 1.68
N ASN A 31 -27.78 2.60 2.50
CA ASN A 31 -29.21 2.79 2.26
C ASN A 31 -29.63 4.25 2.22
N MET A 32 -28.89 5.13 2.91
CA MET A 32 -29.36 6.45 3.28
C MET A 32 -29.88 7.20 2.07
N LYS A 33 -31.15 7.62 2.13
CA LYS A 33 -31.79 8.25 0.97
C LYS A 33 -31.66 9.77 1.03
N PHE A 34 -31.52 10.37 -0.15
CA PHE A 34 -31.36 11.80 -0.32
C PHE A 34 -32.40 12.30 -1.31
N PRO A 35 -32.71 13.59 -1.29
CA PRO A 35 -33.59 14.16 -2.35
C PRO A 35 -32.99 14.08 -3.76
N TYR A 36 -31.71 13.77 -3.88
CA TYR A 36 -31.00 13.84 -5.14
C TYR A 36 -30.40 12.47 -5.45
N LYS A 37 -30.46 12.07 -6.73
CA LYS A 37 -29.65 10.94 -7.17
C LYS A 37 -28.19 11.20 -6.85
N ASP A 38 -27.42 10.12 -6.64
CA ASP A 38 -25.99 10.32 -6.40
C ASP A 38 -25.37 11.11 -7.53
N GLU A 39 -25.74 10.83 -8.79
CA GLU A 39 -25.18 11.57 -9.92
C GLU A 39 -25.55 13.05 -9.88
N GLU A 40 -26.65 13.41 -9.22
CA GLU A 40 -27.14 14.78 -9.27
C GLU A 40 -26.43 15.72 -8.29
N PHE A 41 -25.54 15.22 -7.42
CA PHE A 41 -24.82 16.05 -6.46
C PHE A 41 -23.65 16.79 -7.12
N ILE A 42 -23.49 18.07 -6.80
CA ILE A 42 -22.18 18.70 -6.95
C ILE A 42 -21.33 18.26 -5.77
N ARG A 43 -20.18 17.65 -6.05
CA ARG A 43 -19.37 17.03 -5.02
C ARG A 43 -18.19 17.94 -4.77
N MET A 44 -18.14 18.57 -3.60
CA MET A 44 -17.02 19.46 -3.30
C MET A 44 -16.43 19.14 -1.92
N TRP A 45 -16.21 17.86 -1.60
CA TRP A 45 -15.81 17.50 -0.25
C TRP A 45 -14.37 16.99 -0.19
N VAL A 46 -14.13 15.67 -0.25
CA VAL A 46 -12.79 15.12 -0.10
C VAL A 46 -11.81 15.72 -1.10
N ALA A 47 -10.57 15.90 -0.68
CA ALA A 47 -9.57 16.64 -1.45
C ALA A 47 -8.85 15.75 -2.47
N ASP A 48 -9.58 15.42 -3.53
CA ASP A 48 -8.97 15.07 -4.80
C ASP A 48 -9.71 15.82 -5.90
N MET A 49 -9.09 15.91 -7.06
CA MET A 49 -9.51 16.84 -8.09
C MET A 49 -10.45 16.19 -9.11
N GLU A 50 -11.22 17.06 -9.77
CA GLU A 50 -11.98 16.63 -10.93
C GLU A 50 -11.19 16.78 -12.23
N PHE A 51 -10.00 17.36 -12.17
CA PHE A 51 -9.14 17.49 -13.34
C PHE A 51 -8.42 16.17 -13.61
N ALA A 52 -8.08 15.94 -14.88
CA ALA A 52 -7.34 14.74 -15.24
C ALA A 52 -5.88 14.85 -14.82
N THR A 53 -5.32 13.73 -14.39
CA THR A 53 -3.88 13.67 -14.18
C THR A 53 -3.17 14.02 -15.49
N PRO A 54 -2.11 14.82 -15.44
CA PRO A 54 -1.38 15.17 -16.67
C PRO A 54 -1.00 13.93 -17.46
N GLN A 55 -1.11 14.04 -18.78
CA GLN A 55 -0.83 12.92 -19.67
C GLN A 55 0.63 12.50 -19.60
N VAL A 56 1.56 13.41 -19.25
CA VAL A 56 2.97 13.00 -19.09
C VAL A 56 3.09 11.97 -17.97
N ILE A 57 2.32 12.14 -16.89
CA ILE A 57 2.33 11.17 -15.80
C ILE A 57 1.73 9.84 -16.26
N ILE A 58 0.56 9.90 -16.91
CA ILE A 58 -0.07 8.69 -17.40
C ILE A 58 0.85 7.95 -18.37
N ASP A 59 1.54 8.69 -19.26
CA ASP A 59 2.47 8.06 -20.19
C ASP A 59 3.68 7.45 -19.48
N GLY A 60 4.15 8.11 -18.41
CA GLY A 60 5.25 7.54 -17.64
C GLY A 60 4.89 6.18 -17.05
N ILE A 61 3.65 6.04 -16.57
CA ILE A 61 3.17 4.77 -16.05
C ILE A 61 3.07 3.73 -17.17
N LYS A 62 2.45 4.11 -18.29
CA LYS A 62 2.34 3.22 -19.45
C LYS A 62 3.71 2.76 -19.93
N GLU A 63 4.69 3.64 -19.88
CA GLU A 63 6.05 3.24 -20.21
C GLU A 63 6.51 2.11 -19.29
N ARG A 64 6.24 2.21 -17.99
CA ARG A 64 6.62 1.13 -17.09
C ARG A 64 5.76 -0.11 -17.35
N LEU A 65 4.49 0.11 -17.68
CA LEU A 65 3.61 -0.97 -18.09
C LEU A 65 4.19 -1.75 -19.28
N ASP A 66 4.87 -1.08 -20.18
CA ASP A 66 5.44 -1.73 -21.36
C ASP A 66 6.69 -2.54 -21.03
N LYS A 67 7.25 -2.42 -19.83
CA LYS A 67 8.32 -3.32 -19.48
C LYS A 67 7.79 -4.71 -19.16
N ARG A 68 6.47 -4.85 -19.02
CA ARG A 68 5.71 -6.08 -19.08
C ARG A 68 5.88 -7.00 -17.86
N ILE A 69 6.73 -6.68 -16.88
CA ILE A 69 6.90 -7.53 -15.70
C ILE A 69 6.80 -6.65 -14.45
N PHE A 70 6.07 -7.12 -13.44
CA PHE A 70 5.74 -6.28 -12.28
C PHE A 70 6.05 -7.00 -10.98
N GLY A 71 7.26 -7.53 -10.90
CA GLY A 71 7.72 -8.28 -9.75
C GLY A 71 8.22 -7.39 -8.65
N TYR A 72 9.01 -7.99 -7.74
CA TYR A 72 9.45 -7.30 -6.54
C TYR A 72 10.28 -6.07 -6.90
N THR A 73 9.97 -4.95 -6.24
CA THR A 73 10.49 -3.67 -6.67
C THR A 73 10.92 -2.84 -5.47
N LYS A 74 12.16 -2.35 -5.50
CA LYS A 74 12.63 -1.30 -4.61
C LYS A 74 13.21 -0.20 -5.49
N ILE A 75 13.27 1.01 -4.97
CA ILE A 75 13.82 2.10 -5.77
C ILE A 75 15.34 1.94 -5.76
N PHE A 76 15.89 1.25 -6.76
CA PHE A 76 17.31 0.94 -6.76
C PHE A 76 18.14 2.08 -7.33
N SER A 77 17.73 2.67 -8.46
CA SER A 77 18.52 3.73 -9.05
C SER A 77 18.24 5.09 -8.40
N ASN A 78 19.16 6.02 -8.65
CA ASN A 78 19.07 7.39 -8.14
C ASN A 78 18.14 8.27 -8.95
N ASP A 79 17.47 7.73 -9.98
CA ASP A 79 16.58 8.54 -10.80
C ASP A 79 15.52 9.22 -9.97
N TYR A 80 14.85 8.45 -9.10
CA TYR A 80 13.72 9.00 -8.35
C TYR A 80 14.20 10.11 -7.42
N TYR A 81 15.28 9.85 -6.68
CA TYR A 81 15.81 10.86 -5.79
C TYR A 81 16.15 12.12 -6.57
N ASN A 82 16.96 12.00 -7.62
CA ASN A 82 17.41 13.18 -8.35
C ASN A 82 16.23 14.03 -8.79
N ALA A 83 15.19 13.39 -9.34
CA ALA A 83 14.02 14.14 -9.80
C ALA A 83 13.33 14.85 -8.64
N PHE A 84 13.08 14.15 -7.55
CA PHE A 84 12.40 14.78 -6.42
C PHE A 84 13.28 15.85 -5.77
N SER A 85 14.59 15.56 -5.66
CA SER A 85 15.54 16.53 -5.12
C SER A 85 15.60 17.80 -5.96
N ASP A 86 15.74 17.65 -7.28
CA ASP A 86 15.78 18.81 -8.17
C ASP A 86 14.48 19.60 -8.11
N TRP A 87 13.36 18.90 -7.95
CA TRP A 87 12.08 19.59 -7.78
C TRP A 87 12.11 20.49 -6.54
N CYS A 88 12.58 19.97 -5.40
CA CYS A 88 12.69 20.78 -4.19
C CYS A 88 13.73 21.88 -4.35
N GLN A 89 14.83 21.54 -5.02
CA GLN A 89 15.91 22.49 -5.29
C GLN A 89 15.35 23.72 -6.00
N ARG A 90 14.72 23.53 -7.14
CA ARG A 90 14.35 24.66 -7.96
C ARG A 90 13.01 25.29 -7.59
N ARG A 91 12.20 24.67 -6.75
CA ARG A 91 10.94 25.33 -6.39
C ARG A 91 10.96 25.97 -5.01
N TYR A 92 11.83 25.51 -4.09
CA TYR A 92 11.92 26.08 -2.76
C TYR A 92 13.35 26.42 -2.35
N GLY A 93 14.35 26.09 -3.16
CA GLY A 93 15.72 26.27 -2.73
C GLY A 93 16.11 25.41 -1.56
N TRP A 94 15.54 24.20 -1.47
CA TRP A 94 15.80 23.30 -0.36
C TRP A 94 16.28 21.96 -0.89
N ASN A 95 17.19 21.34 -0.14
CA ASN A 95 17.66 20.01 -0.48
C ASN A 95 17.80 19.21 0.80
N PHE A 96 17.87 17.89 0.62
CA PHE A 96 17.96 16.94 1.71
C PHE A 96 18.88 15.81 1.28
N GLU A 97 19.52 15.17 2.26
CA GLU A 97 20.36 14.02 1.94
C GLU A 97 19.49 12.86 1.45
N LYS A 98 19.94 12.18 0.39
CA LYS A 98 19.16 11.06 -0.12
C LYS A 98 18.87 10.02 0.95
N LYS A 99 19.84 9.74 1.83
CA LYS A 99 19.60 8.66 2.76
C LYS A 99 18.55 9.02 3.80
N HIS A 100 18.16 10.29 3.88
CA HIS A 100 17.09 10.71 4.77
C HIS A 100 15.71 10.40 4.21
N LEU A 101 15.63 9.93 2.97
CA LEU A 101 14.37 9.70 2.29
C LEU A 101 13.89 8.28 2.59
N VAL A 102 12.66 8.17 3.07
CA VAL A 102 11.99 6.88 3.07
C VAL A 102 10.63 7.06 2.39
N MET A 103 10.06 5.94 1.96
CA MET A 103 8.77 5.93 1.27
C MET A 103 7.70 5.39 2.20
N SER A 104 6.47 5.85 1.98
CA SER A 104 5.29 5.47 2.75
C SER A 104 4.09 5.35 1.79
N ASN A 105 3.06 4.63 2.24
CA ASN A 105 1.80 4.47 1.51
C ASN A 105 0.98 5.75 1.39
N GLY A 106 1.41 6.83 1.98
CA GLY A 106 0.56 7.98 2.17
C GLY A 106 1.00 8.64 3.45
N ILE A 107 0.66 9.92 3.57
CA ILE A 107 1.13 10.66 4.74
C ILE A 107 0.29 10.32 5.96
N ILE A 108 -0.97 9.95 5.77
CA ILE A 108 -1.78 9.55 6.91
C ILE A 108 -1.14 8.31 7.57
N PRO A 109 -0.92 7.19 6.87
CA PRO A 109 -0.24 6.07 7.56
C PRO A 109 1.11 6.48 8.13
N ALA A 110 1.86 7.33 7.43
CA ALA A 110 3.10 7.85 7.99
C ALA A 110 2.87 8.49 9.36
N LEU A 111 1.84 9.34 9.46
CA LEU A 111 1.50 9.97 10.73
C LEU A 111 1.17 8.97 11.82
N TYR A 112 0.39 7.94 11.52
CA TYR A 112 -0.01 6.97 12.54
C TYR A 112 1.18 6.20 13.07
N GLU A 113 2.12 5.88 12.18
CA GLU A 113 3.32 5.16 12.56
C GLU A 113 4.31 6.06 13.28
N LEU A 114 4.49 7.29 12.78
CA LEU A 114 5.45 8.19 13.42
C LEU A 114 5.03 8.51 14.85
N VAL A 115 3.72 8.70 15.08
CA VAL A 115 3.23 8.96 16.43
C VAL A 115 3.69 7.87 17.39
N GLN A 116 3.61 6.61 16.97
CA GLN A 116 4.02 5.52 17.85
C GLN A 116 5.53 5.45 17.97
N TYR A 117 6.27 5.89 16.95
CA TYR A 117 7.72 5.85 17.02
C TYR A 117 8.29 6.97 17.87
N ILE A 118 7.59 8.11 17.94
CA ILE A 118 8.09 9.31 18.60
C ILE A 118 7.56 9.45 20.03
N CYS A 119 6.26 9.26 20.22
CA CYS A 119 5.58 9.52 21.48
C CYS A 119 5.45 8.24 22.31
N LYS A 120 5.80 8.34 23.59
CA LYS A 120 5.41 7.32 24.55
C LYS A 120 3.91 7.41 24.80
N LYS A 121 3.31 6.28 25.20
CA LYS A 121 1.85 6.15 25.30
C LYS A 121 1.18 7.30 26.03
N ASP A 122 1.88 7.93 26.96
CA ASP A 122 1.30 8.99 27.79
C ASP A 122 1.66 10.40 27.30
N GLU A 123 2.29 10.53 26.14
CA GLU A 123 2.71 11.83 25.67
C GLU A 123 1.67 12.42 24.71
N LYS A 124 1.82 13.71 24.44
CA LYS A 124 0.81 14.50 23.75
C LYS A 124 1.27 14.90 22.35
N VAL A 125 0.28 15.11 21.49
CA VAL A 125 0.49 15.39 20.07
C VAL A 125 -0.18 16.72 19.78
N LEU A 126 0.62 17.74 19.54
CA LEU A 126 0.13 19.11 19.42
C LEU A 126 -0.07 19.49 17.96
N PHE A 127 -1.12 20.24 17.67
CA PHE A 127 -1.31 20.78 16.32
C PHE A 127 -2.26 21.97 16.36
N LEU A 128 -2.23 22.74 15.26
CA LEU A 128 -2.94 24.00 15.14
C LEU A 128 -4.35 23.78 14.62
N THR A 129 -5.33 24.42 15.27
CA THR A 129 -6.70 24.18 14.87
C THR A 129 -7.35 25.46 14.33
N PRO A 130 -8.30 25.33 13.37
CA PRO A 130 -8.88 24.10 12.83
C PRO A 130 -7.88 23.30 12.02
N SER A 131 -8.02 21.98 11.92
CA SER A 131 -7.12 21.24 11.03
C SER A 131 -7.81 20.01 10.47
N TYR A 132 -7.17 19.46 9.43
CA TYR A 132 -7.40 18.11 8.94
C TYR A 132 -7.58 17.15 10.12
N ALA A 133 -8.76 16.52 10.20
CA ALA A 133 -9.10 15.76 11.40
C ALA A 133 -8.15 14.61 11.67
N TYR A 134 -7.40 14.14 10.66
CA TYR A 134 -6.54 12.98 10.88
C TYR A 134 -5.31 13.28 11.74
N PHE A 135 -4.97 14.56 11.97
CA PHE A 135 -3.97 14.87 12.99
C PHE A 135 -4.44 14.39 14.36
N LYS A 136 -5.72 14.57 14.66
CA LYS A 136 -6.27 14.02 15.90
C LYS A 136 -6.29 12.50 15.86
N TYR A 137 -6.80 11.91 14.77
CA TYR A 137 -6.99 10.47 14.73
C TYR A 137 -5.66 9.73 14.84
N ALA A 138 -4.59 10.28 14.24
CA ALA A 138 -3.26 9.69 14.34
C ALA A 138 -2.84 9.51 15.80
N ALA A 139 -3.19 10.48 16.63
CA ALA A 139 -2.89 10.40 18.06
C ALA A 139 -3.87 9.49 18.78
N ASP A 140 -5.17 9.62 18.49
CA ASP A 140 -6.15 8.73 19.10
C ASP A 140 -5.88 7.27 18.74
N PHE A 141 -5.41 7.03 17.51
CA PHE A 141 -5.20 5.66 17.03
C PHE A 141 -4.46 4.82 18.06
N SER A 142 -3.34 5.33 18.54
CA SER A 142 -2.48 4.61 19.46
C SER A 142 -2.57 5.17 20.88
N ASN A 143 -3.71 5.75 21.25
CA ASN A 143 -3.96 6.26 22.61
C ASN A 143 -3.00 7.38 23.02
N ARG A 144 -2.42 8.09 22.08
CA ARG A 144 -1.74 9.32 22.43
C ARG A 144 -2.79 10.42 22.56
N THR A 145 -2.38 11.55 23.11
CA THR A 145 -3.36 12.58 23.44
C THR A 145 -3.23 13.75 22.49
N PRO A 146 -4.26 14.05 21.72
CA PRO A 146 -4.18 15.22 20.83
C PRO A 146 -4.48 16.47 21.63
N ILE A 147 -3.65 17.50 21.45
CA ILE A 147 -3.88 18.81 22.04
C ILE A 147 -3.83 19.85 20.95
N CYS A 148 -4.59 20.92 21.15
CA CYS A 148 -4.90 21.88 20.12
C CYS A 148 -4.51 23.27 20.58
N SER A 149 -3.89 24.00 19.68
CA SER A 149 -3.70 25.43 19.81
C SER A 149 -4.56 26.09 18.75
N ASP A 150 -5.60 26.80 19.18
CA ASP A 150 -6.49 27.47 18.24
C ASP A 150 -5.75 28.59 17.53
N LEU A 151 -5.91 28.65 16.21
CA LEU A 151 -5.40 29.79 15.48
C LEU A 151 -6.24 31.02 15.79
N ILE A 152 -5.81 32.18 15.29
CA ILE A 152 -6.48 33.45 15.56
C ILE A 152 -7.11 33.93 14.26
N ASP A 153 -8.43 34.10 14.28
CA ASP A 153 -9.20 34.45 13.09
C ASP A 153 -9.32 35.96 13.06
N ASN A 154 -8.41 36.61 12.33
CA ASN A 154 -8.47 38.07 12.14
C ASN A 154 -9.20 38.31 10.82
N ASP A 155 -10.53 38.21 10.86
CA ASP A 155 -11.39 38.37 9.67
C ASP A 155 -10.88 37.54 8.50
N GLY A 156 -10.72 36.25 8.74
CA GLY A 156 -10.32 35.32 7.71
C GLY A 156 -8.83 35.17 7.55
N TYR A 157 -8.03 36.07 8.09
CA TYR A 157 -6.58 35.90 8.08
C TYR A 157 -6.19 35.28 9.40
N TYR A 158 -5.63 34.08 9.35
CA TYR A 158 -5.33 33.33 10.56
C TYR A 158 -3.88 33.56 10.98
N THR A 159 -3.66 33.70 12.28
CA THR A 159 -2.31 33.82 12.80
C THR A 159 -2.19 32.86 13.97
N ILE A 160 -0.95 32.63 14.38
CA ILE A 160 -0.67 31.69 15.45
C ILE A 160 -0.66 32.41 16.80
N ASP A 161 -1.40 31.84 17.76
CA ASP A 161 -1.32 32.25 19.16
C ASP A 161 -0.05 31.64 19.75
N PHE A 162 1.06 32.35 19.56
CA PHE A 162 2.36 31.79 19.94
C PHE A 162 2.49 31.59 21.44
N GLU A 163 1.82 32.41 22.26
CA GLU A 163 1.90 32.22 23.71
C GLU A 163 1.14 30.98 24.16
N ASP A 164 -0.06 30.78 23.62
CA ASP A 164 -0.77 29.53 23.86
C ASP A 164 0.03 28.35 23.33
N PHE A 165 0.68 28.52 22.17
CA PHE A 165 1.44 27.42 21.55
C PHE A 165 2.68 27.07 22.37
N GLU A 166 3.45 28.08 22.77
CA GLU A 166 4.62 27.79 23.58
C GLU A 166 4.24 27.16 24.90
N LYS A 167 3.15 27.63 25.51
CA LYS A 167 2.70 27.03 26.76
C LYS A 167 2.40 25.54 26.58
N LYS A 168 1.73 25.18 25.47
CA LYS A 168 1.41 23.77 25.23
C LYS A 168 2.63 22.97 24.79
N ALA A 169 3.53 23.56 24.01
CA ALA A 169 4.76 22.87 23.64
C ALA A 169 5.65 22.61 24.86
N ALA A 170 5.67 23.56 25.80
CA ALA A 170 6.55 23.51 26.97
C ALA A 170 6.21 22.35 27.88
N ASP A 171 4.94 21.95 27.92
CA ASP A 171 4.56 20.76 28.68
C ASP A 171 5.49 19.60 28.37
N GLU A 172 5.99 18.96 29.43
CA GLU A 172 6.98 17.89 29.28
C GLU A 172 6.41 16.64 28.63
N LYS A 173 5.10 16.40 28.71
CA LYS A 173 4.48 15.29 27.99
C LYS A 173 4.23 15.62 26.52
N THR A 174 4.23 16.90 26.16
CA THR A 174 4.04 17.30 24.77
C THR A 174 5.35 17.11 24.03
N THR A 175 5.34 16.13 23.14
CA THR A 175 6.51 15.52 22.52
C THR A 175 6.55 15.70 21.01
N LEU A 176 5.39 15.86 20.36
CA LEU A 176 5.23 15.91 18.91
C LEU A 176 4.32 17.09 18.55
N PHE A 177 4.74 17.87 17.56
CA PHE A 177 3.93 18.92 16.94
C PHE A 177 3.72 18.52 15.49
N ILE A 178 2.47 18.41 15.06
CA ILE A 178 2.17 18.14 13.66
C ILE A 178 1.79 19.46 13.03
N LEU A 179 2.67 19.95 12.18
CA LEU A 179 2.49 21.19 11.45
C LEU A 179 1.98 20.90 10.05
N CYS A 180 1.01 21.70 9.62
CA CYS A 180 0.45 21.64 8.27
C CYS A 180 0.97 22.86 7.50
N ASN A 181 1.89 22.63 6.56
CA ASN A 181 2.66 23.69 5.91
C ASN A 181 2.70 23.50 4.40
N PRO A 182 1.77 24.12 3.64
CA PRO A 182 0.69 25.07 3.98
C PRO A 182 -0.48 24.44 4.75
N HIS A 183 -1.30 25.28 5.39
CA HIS A 183 -2.26 24.79 6.37
C HIS A 183 -3.58 24.39 5.71
N ASN A 184 -4.15 23.30 6.19
CA ASN A 184 -5.45 22.80 5.75
C ASN A 184 -6.37 22.78 6.97
N PRO A 185 -7.53 23.45 6.96
CA PRO A 185 -8.29 24.08 5.88
C PRO A 185 -8.19 25.61 5.68
N THR A 186 -7.31 26.34 6.39
CA THR A 186 -7.32 27.80 6.24
C THR A 186 -6.59 28.28 4.99
N GLY A 187 -5.65 27.50 4.47
CA GLY A 187 -4.88 27.91 3.34
C GLY A 187 -3.65 28.73 3.65
N ARG A 188 -3.36 28.97 4.93
CA ARG A 188 -2.22 29.81 5.29
C ARG A 188 -0.93 29.24 4.71
N VAL A 189 -0.19 30.09 4.01
CA VAL A 189 1.20 29.84 3.63
C VAL A 189 2.07 30.48 4.70
N TRP A 190 2.67 29.68 5.56
CA TRP A 190 3.34 30.23 6.72
C TRP A 190 4.58 31.04 6.32
N LYS A 191 4.64 32.30 6.75
CA LYS A 191 5.77 33.17 6.42
C LYS A 191 7.03 32.73 7.16
N GLU A 192 8.18 33.24 6.69
CA GLU A 192 9.46 32.80 7.24
C GLU A 192 9.55 33.06 8.73
N GLU A 193 9.10 34.24 9.18
CA GLU A 193 9.17 34.58 10.60
C GLU A 193 8.26 33.68 11.44
N GLU A 194 7.09 33.33 10.91
CA GLU A 194 6.19 32.42 11.61
C GLU A 194 6.85 31.06 11.82
N LEU A 195 7.46 30.51 10.76
CA LEU A 195 8.08 29.19 10.86
C LEU A 195 9.31 29.22 11.79
N LYS A 196 10.08 30.31 11.76
CA LYS A 196 11.21 30.45 12.68
C LYS A 196 10.74 30.38 14.12
N LYS A 197 9.70 31.13 14.46
CA LYS A 197 9.24 31.13 15.85
C LYS A 197 8.66 29.79 16.23
N LEU A 198 7.90 29.15 15.34
CA LEU A 198 7.43 27.79 15.62
C LEU A 198 8.60 26.85 15.85
N GLY A 199 9.59 26.88 14.95
CA GLY A 199 10.71 25.96 15.06
C GLY A 199 11.58 26.23 16.27
N LYS A 200 11.86 27.52 16.54
CA LYS A 200 12.66 27.86 17.70
C LYS A 200 11.98 27.39 18.98
N ILE A 201 10.65 27.55 19.06
CA ILE A 201 9.93 27.05 20.23
C ILE A 201 10.12 25.56 20.38
N CYS A 202 10.00 24.81 19.28
CA CYS A 202 10.12 23.35 19.35
C CYS A 202 11.53 22.93 19.70
N GLU A 203 12.51 23.71 19.26
CA GLU A 203 13.91 23.47 19.62
C GLU A 203 14.14 23.72 21.11
N LYS A 204 13.45 24.73 21.67
CA LYS A 204 13.60 25.08 23.08
C LYS A 204 13.18 23.93 24.00
N TYR A 205 12.06 23.26 23.67
CA TYR A 205 11.54 22.18 24.49
C TYR A 205 11.82 20.82 23.89
N ASP A 206 12.67 20.80 22.84
CA ASP A 206 13.12 19.59 22.16
C ASP A 206 11.93 18.79 21.60
N VAL A 207 10.94 19.50 21.08
CA VAL A 207 9.73 18.87 20.56
C VAL A 207 9.95 18.39 19.13
N TRP A 208 9.59 17.14 18.85
CA TRP A 208 9.63 16.64 17.48
C TRP A 208 8.56 17.30 16.62
N VAL A 209 8.90 17.59 15.36
CA VAL A 209 7.96 18.21 14.43
C VAL A 209 7.82 17.32 13.20
N ILE A 210 6.60 16.88 12.93
CA ILE A 210 6.25 16.38 11.61
C ILE A 210 5.67 17.54 10.84
N SER A 211 6.32 17.90 9.74
CA SER A 211 5.84 18.96 8.85
C SER A 211 5.11 18.31 7.69
N ASP A 212 3.79 18.41 7.67
CA ASP A 212 2.99 17.88 6.58
C ASP A 212 2.92 18.97 5.50
N GLU A 213 3.71 18.81 4.44
CA GLU A 213 3.78 19.81 3.39
C GLU A 213 3.11 19.32 2.10
N ILE A 214 2.09 18.47 2.25
CA ILE A 214 1.43 17.85 1.11
C ILE A 214 0.74 18.85 0.18
N HIS A 215 0.48 20.07 0.66
CA HIS A 215 -0.16 21.07 -0.17
C HIS A 215 0.82 22.11 -0.70
N CYS A 216 2.13 21.86 -0.58
CA CYS A 216 3.10 22.93 -0.79
C CYS A 216 3.29 23.34 -2.25
N ASP A 217 2.74 22.63 -3.24
CA ASP A 217 2.77 23.05 -4.63
C ASP A 217 1.43 23.59 -5.10
N LEU A 218 0.40 23.56 -4.26
CA LEU A 218 -0.88 24.12 -4.67
C LEU A 218 -1.06 25.52 -4.11
N LEU A 219 -0.07 26.39 -4.33
CA LEU A 219 -0.18 27.74 -3.80
C LEU A 219 -0.76 28.66 -4.87
N ARG A 220 -1.28 29.80 -4.41
CA ARG A 220 -1.66 30.86 -5.31
C ARG A 220 -0.43 31.34 -6.06
N CYS A 221 -0.65 31.96 -7.23
CA CYS A 221 0.47 32.21 -8.11
C CYS A 221 1.50 33.15 -7.52
N ASP A 222 1.15 33.94 -6.51
CA ASP A 222 2.08 34.93 -5.96
C ASP A 222 2.63 34.52 -4.60
N LYS A 223 2.75 33.22 -4.34
CA LYS A 223 3.20 32.74 -3.03
C LYS A 223 4.38 31.79 -3.20
N GLN A 224 5.31 31.87 -2.26
CA GLN A 224 6.43 30.94 -2.16
C GLN A 224 6.20 30.00 -0.98
N HIS A 225 6.63 28.76 -1.14
CA HIS A 225 6.59 27.78 -0.06
C HIS A 225 7.96 27.67 0.59
N ILE A 226 8.00 27.67 1.92
CA ILE A 226 9.22 27.43 2.68
C ILE A 226 9.05 26.13 3.46
N PRO A 227 9.79 25.08 3.10
CA PRO A 227 9.87 23.92 3.99
C PRO A 227 10.43 24.35 5.34
N LEU A 228 9.79 23.89 6.41
CA LEU A 228 10.30 24.20 7.74
C LEU A 228 11.75 23.74 7.89
N ALA A 229 12.09 22.59 7.29
CA ALA A 229 13.44 22.07 7.36
C ALA A 229 14.44 22.99 6.68
N LYS A 230 13.98 23.84 5.77
CA LYS A 230 14.90 24.78 5.15
C LYS A 230 15.38 25.80 6.18
N LEU A 231 14.48 26.27 7.04
CA LEU A 231 14.88 27.22 8.07
C LEU A 231 15.64 26.56 9.21
N PHE A 232 15.40 25.28 9.48
CA PHE A 232 16.03 24.59 10.62
C PHE A 232 16.78 23.37 10.12
N PRO A 233 17.81 23.59 9.29
CA PRO A 233 18.44 22.46 8.58
C PRO A 233 19.28 21.57 9.46
N ASN A 234 19.58 21.95 10.70
CA ASN A 234 20.38 21.09 11.54
C ASN A 234 19.57 20.46 12.66
N TYR A 235 18.27 20.73 12.72
CA TYR A 235 17.41 20.18 13.76
C TYR A 235 17.00 18.76 13.35
N LYS A 236 17.63 17.76 13.99
CA LYS A 236 17.38 16.37 13.62
C LYS A 236 15.94 15.90 13.90
N ARG A 237 15.13 16.70 14.57
CA ARG A 237 13.82 16.23 15.02
C ARG A 237 12.67 16.70 14.14
N ILE A 238 12.96 17.16 12.93
CA ILE A 238 11.92 17.50 11.97
C ILE A 238 11.80 16.37 10.97
N ILE A 239 10.57 15.95 10.70
CA ILE A 239 10.28 15.02 9.63
C ILE A 239 9.48 15.78 8.58
N THR A 240 9.96 15.75 7.34
CA THR A 240 9.28 16.43 6.25
C THR A 240 8.49 15.43 5.40
N CYS A 241 7.23 15.74 5.15
CA CYS A 241 6.36 14.87 4.36
C CYS A 241 5.89 15.61 3.13
N MET A 242 6.11 15.02 1.95
CA MET A 242 5.66 15.57 0.69
C MET A 242 5.17 14.43 -0.19
N ALA A 243 4.33 14.77 -1.16
CA ALA A 243 3.79 13.75 -2.04
C ALA A 243 3.29 14.41 -3.31
N PRO A 244 3.42 13.75 -4.45
CA PRO A 244 2.78 14.28 -5.66
C PRO A 244 1.28 14.11 -5.68
N SER A 245 0.68 13.57 -4.60
CA SER A 245 -0.69 13.07 -4.70
C SER A 245 -1.70 14.20 -4.82
N LYS A 246 -1.63 15.21 -3.93
CA LYS A 246 -2.52 16.35 -4.08
C LYS A 246 -2.25 17.10 -5.39
N THR A 247 -0.97 17.38 -5.67
CA THR A 247 -0.62 18.23 -6.80
C THR A 247 -1.18 17.68 -8.10
N PHE A 248 -1.08 16.37 -8.28
CA PHE A 248 -1.35 15.75 -9.57
C PHE A 248 -2.49 14.76 -9.53
N ASN A 249 -3.30 14.75 -8.48
CA ASN A 249 -4.44 13.84 -8.37
C ASN A 249 -3.99 12.38 -8.42
N LEU A 250 -3.10 12.05 -7.49
CA LEU A 250 -2.46 10.74 -7.46
C LEU A 250 -2.59 10.06 -6.09
N ALA A 251 -3.64 10.42 -5.32
CA ALA A 251 -3.88 9.76 -4.01
C ALA A 251 -3.97 8.24 -4.16
N GLY A 252 -4.65 7.75 -5.19
CA GLY A 252 -4.75 6.32 -5.39
C GLY A 252 -3.42 5.61 -5.49
N LEU A 253 -2.36 6.31 -5.93
CA LEU A 253 -1.08 5.62 -6.10
C LEU A 253 -0.39 5.32 -4.79
N MET A 254 -0.87 5.90 -3.68
CA MET A 254 -0.38 5.60 -2.33
C MET A 254 1.14 5.60 -2.28
N ILE A 255 1.72 6.75 -2.57
CA ILE A 255 3.18 6.89 -2.54
C ILE A 255 3.50 8.31 -2.08
N SER A 256 4.38 8.43 -1.11
CA SER A 256 4.70 9.74 -0.59
C SER A 256 6.10 9.73 0.02
N ASN A 257 6.72 10.89 0.08
CA ASN A 257 8.08 11.03 0.59
C ASN A 257 8.06 11.45 2.05
N VAL A 258 8.84 10.76 2.85
CA VAL A 258 8.99 11.03 4.28
C VAL A 258 10.48 11.19 4.53
N ILE A 259 10.91 12.39 4.89
CA ILE A 259 12.33 12.73 5.02
C ILE A 259 12.67 12.72 6.50
N ILE A 260 13.49 11.76 6.92
CA ILE A 260 13.80 11.56 8.34
C ILE A 260 15.28 11.75 8.61
N PRO A 261 15.72 12.96 8.97
CA PRO A 261 17.14 13.15 9.36
C PRO A 261 17.57 12.33 10.57
N ASP A 262 16.74 12.20 11.60
CA ASP A 262 17.18 11.53 12.80
C ASP A 262 17.53 10.07 12.52
N ASP A 263 18.80 9.72 12.72
CA ASP A 263 19.27 8.37 12.39
C ASP A 263 18.55 7.31 13.21
N ASN A 264 18.22 7.59 14.47
CA ASN A 264 17.52 6.58 15.27
C ASN A 264 16.08 6.44 14.85
N LEU A 265 15.35 7.55 14.74
CA LEU A 265 13.98 7.47 14.26
C LEU A 265 13.93 6.78 12.91
N ARG A 266 14.85 7.12 11.99
CA ARG A 266 14.81 6.52 10.65
C ARG A 266 15.07 5.02 10.72
N GLU A 267 16.07 4.58 11.51
CA GLU A 267 16.32 3.15 11.67
C GLU A 267 15.08 2.43 12.17
N VAL A 268 14.39 3.03 13.14
CA VAL A 268 13.14 2.46 13.65
C VAL A 268 12.14 2.28 12.51
N TRP A 269 11.93 3.36 11.74
CA TRP A 269 11.03 3.31 10.58
C TRP A 269 11.38 2.17 9.65
N LEU A 270 12.65 2.03 9.30
CA LEU A 270 13.05 1.04 8.30
C LEU A 270 12.82 -0.37 8.82
N SER A 271 13.11 -0.60 10.09
CA SER A 271 12.92 -1.92 10.65
C SER A 271 11.46 -2.27 10.83
N LYS A 272 10.56 -1.30 10.73
CA LYS A 272 9.16 -1.60 10.92
C LYS A 272 8.38 -1.65 9.62
N HIS A 273 9.01 -1.40 8.48
CA HIS A 273 8.27 -1.26 7.24
C HIS A 273 8.64 -2.32 6.22
N TYR A 274 7.61 -2.80 5.54
CA TYR A 274 7.71 -3.60 4.33
C TYR A 274 8.22 -2.68 3.22
N ASN A 275 9.53 -2.69 2.97
CA ASN A 275 10.18 -1.66 2.18
C ASN A 275 10.26 -2.02 0.71
N PHE A 276 9.16 -2.56 0.16
CA PHE A 276 8.98 -2.75 -1.27
C PHE A 276 8.06 -1.66 -1.80
N ASP A 277 8.26 -1.30 -3.06
CA ASP A 277 7.51 -0.22 -3.69
C ASP A 277 6.70 -0.76 -4.85
N ASN A 278 5.59 -0.06 -5.16
CA ASN A 278 4.80 -0.40 -6.35
C ASN A 278 5.45 0.23 -7.58
N PRO A 279 5.88 -0.57 -8.56
CA PRO A 279 6.57 0.04 -9.72
C PRO A 279 5.70 1.03 -10.50
N LEU A 280 4.41 0.77 -10.63
CA LEU A 280 3.57 1.72 -11.35
C LEU A 280 3.48 3.04 -10.57
N SER A 281 3.46 2.95 -9.24
CA SER A 281 3.37 4.15 -8.41
C SER A 281 4.66 4.96 -8.46
N VAL A 282 5.81 4.28 -8.42
CA VAL A 282 7.10 4.98 -8.55
C VAL A 282 7.19 5.64 -9.92
N ALA A 283 6.74 4.92 -10.96
CA ALA A 283 6.80 5.45 -12.31
C ALA A 283 5.94 6.69 -12.43
N GLY A 284 4.76 6.69 -11.81
CA GLY A 284 3.90 7.85 -11.88
C GLY A 284 4.49 9.02 -11.12
N ALA A 285 4.99 8.76 -9.90
CA ALA A 285 5.53 9.84 -9.10
C ALA A 285 6.77 10.43 -9.74
N GLN A 286 7.66 9.57 -10.24
CA GLN A 286 8.85 10.05 -10.92
C GLN A 286 8.51 10.88 -12.15
N ALA A 287 7.51 10.45 -12.92
CA ALA A 287 7.06 11.30 -14.02
C ALA A 287 6.53 12.64 -13.52
N ALA A 288 5.78 12.66 -12.42
CA ALA A 288 5.21 13.92 -11.92
C ALA A 288 6.31 14.94 -11.64
N TYR A 289 7.37 14.52 -10.97
CA TYR A 289 8.43 15.44 -10.57
C TYR A 289 9.36 15.78 -11.74
N GLU A 290 9.52 14.87 -12.70
CA GLU A 290 10.32 15.16 -13.86
C GLU A 290 9.61 16.13 -14.80
N LYS A 291 8.38 15.81 -15.19
CA LYS A 291 7.73 16.48 -16.30
C LYS A 291 6.47 17.27 -15.95
N GLY A 292 6.03 17.25 -14.69
CA GLY A 292 4.72 17.78 -14.36
C GLY A 292 4.67 19.25 -14.06
N GLU A 293 5.81 19.93 -14.12
CA GLU A 293 5.83 21.32 -13.66
C GLU A 293 5.01 22.22 -14.58
N ASP A 294 5.09 22.01 -15.89
CA ASP A 294 4.38 22.90 -16.81
C ASP A 294 2.87 22.79 -16.62
N TRP A 295 2.35 21.57 -16.48
CA TRP A 295 0.93 21.39 -16.19
C TRP A 295 0.57 22.02 -14.84
N LEU A 296 1.46 21.90 -13.85
CA LEU A 296 1.15 22.46 -12.54
C LEU A 296 1.01 23.97 -12.60
N LYS A 297 1.86 24.64 -13.38
CA LYS A 297 1.82 26.09 -13.44
C LYS A 297 0.56 26.59 -14.14
N GLU A 298 0.04 25.81 -15.08
CA GLU A 298 -1.25 26.17 -15.66
C GLU A 298 -2.38 25.86 -14.68
N LEU A 299 -2.27 24.76 -13.94
CA LEU A 299 -3.25 24.45 -12.91
C LEU A 299 -3.32 25.55 -11.85
N GLN A 300 -2.17 26.05 -11.40
CA GLN A 300 -2.15 27.15 -10.45
C GLN A 300 -2.92 28.36 -11.01
N LYS A 301 -2.75 28.66 -12.31
CA LYS A 301 -3.49 29.74 -12.91
C LYS A 301 -4.99 29.46 -12.90
N TYR A 302 -5.38 28.23 -13.21
CA TYR A 302 -6.81 27.93 -13.24
C TYR A 302 -7.41 27.96 -11.83
N LEU A 303 -6.67 27.46 -10.84
CA LEU A 303 -7.18 27.52 -9.46
C LEU A 303 -7.34 28.95 -8.98
N ASP A 304 -6.44 29.85 -9.38
CA ASP A 304 -6.55 31.25 -8.99
C ASP A 304 -7.85 31.87 -9.52
N LYS A 305 -8.12 31.71 -10.82
CA LYS A 305 -9.37 32.24 -11.38
C LYS A 305 -10.57 31.65 -10.64
N ASN A 306 -10.55 30.35 -10.34
CA ASN A 306 -11.65 29.75 -9.58
C ASN A 306 -11.81 30.39 -8.20
N PHE A 307 -10.69 30.68 -7.53
CA PHE A 307 -10.77 31.37 -6.24
C PHE A 307 -11.29 32.79 -6.39
N GLU A 308 -10.77 33.53 -7.38
CA GLU A 308 -11.24 34.88 -7.61
C GLU A 308 -12.72 34.89 -7.98
N PHE A 309 -13.12 33.97 -8.87
CA PHE A 309 -14.53 33.84 -9.19
C PHE A 309 -15.36 33.52 -7.94
N THR A 310 -14.86 32.63 -7.08
CA THR A 310 -15.63 32.22 -5.91
C THR A 310 -15.86 33.40 -4.96
N LYS A 311 -14.85 34.24 -4.76
CA LYS A 311 -15.05 35.41 -3.92
C LYS A 311 -16.11 36.33 -4.51
N GLU A 312 -15.99 36.65 -5.81
CA GLU A 312 -17.00 37.50 -6.44
C GLU A 312 -18.39 36.89 -6.35
N TYR A 313 -18.52 35.60 -6.60
CA TYR A 313 -19.84 35.00 -6.52
C TYR A 313 -20.42 35.14 -5.12
N LEU A 314 -19.59 34.95 -4.10
CA LEU A 314 -20.07 35.00 -2.72
C LEU A 314 -20.33 36.43 -2.25
N ASN A 315 -19.41 37.36 -2.57
CA ASN A 315 -19.66 38.76 -2.26
C ASN A 315 -20.98 39.21 -2.84
N LYS A 316 -21.26 38.82 -4.08
CA LYS A 316 -22.47 39.26 -4.77
C LYS A 316 -23.72 38.58 -4.23
N ASN A 317 -23.66 37.27 -3.95
CA ASN A 317 -24.87 36.50 -3.68
C ASN A 317 -24.95 35.91 -2.29
N LEU A 318 -23.88 35.96 -1.49
CA LEU A 318 -23.92 35.62 -0.07
C LEU A 318 -23.13 36.68 0.68
N PRO A 319 -23.63 37.91 0.69
CA PRO A 319 -22.79 39.03 1.14
C PRO A 319 -22.47 38.99 2.64
N LYS A 320 -23.28 38.29 3.44
CA LYS A 320 -22.98 38.10 4.85
C LYS A 320 -22.11 36.89 5.09
N ALA A 321 -21.59 36.27 4.04
CA ALA A 321 -20.61 35.20 4.17
C ALA A 321 -19.23 35.82 4.15
N LYS A 322 -18.37 35.39 5.07
CA LYS A 322 -17.03 35.94 5.22
C LYS A 322 -16.02 34.98 4.61
N PHE A 323 -15.26 35.44 3.63
CA PHE A 323 -14.45 34.53 2.84
C PHE A 323 -13.21 35.26 2.33
N LYS A 324 -12.06 34.83 2.78
CA LYS A 324 -10.79 35.34 2.29
C LYS A 324 -10.21 34.27 1.39
N ILE A 325 -9.77 34.66 0.19
CA ILE A 325 -9.18 33.71 -0.74
C ILE A 325 -7.96 33.05 -0.11
N SER A 326 -7.96 31.72 -0.06
CA SER A 326 -6.90 31.00 0.63
C SER A 326 -5.60 31.15 -0.13
N GLU A 327 -4.50 31.28 0.63
CA GLU A 327 -3.19 31.44 0.00
C GLU A 327 -2.70 30.16 -0.64
N ALA A 328 -3.21 29.00 -0.22
CA ALA A 328 -2.79 27.73 -0.79
C ALA A 328 -3.93 26.72 -0.68
N THR A 329 -3.67 25.53 -1.24
CA THR A 329 -4.65 24.46 -1.47
C THR A 329 -5.68 24.89 -2.52
N TYR A 330 -6.50 23.95 -2.96
CA TYR A 330 -7.67 24.23 -3.77
C TYR A 330 -8.96 24.18 -2.94
N LEU A 331 -8.89 24.51 -1.65
CA LEU A 331 -10.01 24.36 -0.72
C LEU A 331 -10.47 25.72 -0.22
N ALA A 332 -11.73 26.06 -0.48
CA ALA A 332 -12.29 27.33 -0.04
C ALA A 332 -12.88 27.20 1.34
N TRP A 333 -12.63 28.19 2.18
CA TRP A 333 -12.98 28.14 3.59
C TRP A 333 -13.92 29.32 3.86
N VAL A 334 -15.21 29.05 4.03
CA VAL A 334 -16.21 30.11 4.08
C VAL A 334 -16.85 30.09 5.45
N ASN A 335 -16.89 31.27 6.10
CA ASN A 335 -17.55 31.42 7.39
C ASN A 335 -19.00 31.77 7.13
N LEU A 336 -19.92 30.97 7.66
CA LEU A 336 -21.34 31.26 7.56
C LEU A 336 -21.94 31.55 8.94
N GLU A 337 -21.11 32.13 9.84
CA GLU A 337 -21.50 32.72 11.11
C GLU A 337 -22.90 33.33 11.04
N GLU A 338 -23.10 34.24 10.07
CA GLU A 338 -24.31 35.06 10.04
C GLU A 338 -25.56 34.28 9.64
N TYR A 339 -25.41 33.05 9.14
CA TYR A 339 -26.52 32.25 8.68
C TYR A 339 -26.81 31.02 9.52
N PHE A 340 -25.87 30.55 10.34
CA PHE A 340 -26.09 29.29 11.05
C PHE A 340 -25.57 29.40 12.48
N ASP A 341 -25.98 28.42 13.30
CA ASP A 341 -25.48 28.21 14.66
C ASP A 341 -24.41 27.13 14.68
N LYS A 342 -23.61 27.15 15.76
CA LYS A 342 -22.59 26.13 15.97
C LYS A 342 -23.14 24.73 15.82
N THR A 343 -24.42 24.56 16.12
CA THR A 343 -25.02 23.26 16.28
C THR A 343 -25.79 22.79 15.06
N GLU A 344 -26.00 23.66 14.08
CA GLU A 344 -26.61 23.20 12.84
C GLU A 344 -25.56 22.48 11.98
N ASN A 345 -25.92 21.29 11.49
CA ASN A 345 -25.03 20.44 10.72
C ASN A 345 -24.99 20.93 9.27
N LEU A 346 -23.95 21.68 8.90
CA LEU A 346 -23.90 22.22 7.54
C LEU A 346 -23.80 21.15 6.45
N PRO A 347 -22.96 20.12 6.54
CA PRO A 347 -23.01 19.06 5.51
C PRO A 347 -24.39 18.46 5.28
N ILE A 348 -25.09 18.09 6.35
CA ILE A 348 -26.41 17.49 6.22
C ILE A 348 -27.36 18.50 5.57
N PHE A 349 -27.24 19.77 5.93
CA PHE A 349 -28.09 20.80 5.34
C PHE A 349 -27.86 20.92 3.83
N PHE A 350 -26.60 21.07 3.42
CA PHE A 350 -26.33 21.33 2.01
C PHE A 350 -26.56 20.10 1.15
N ALA A 351 -26.37 18.90 1.71
CA ALA A 351 -26.78 17.69 1.00
C ALA A 351 -28.25 17.75 0.69
N ASN A 352 -29.09 17.90 1.73
CA ASN A 352 -30.53 17.80 1.58
C ASN A 352 -31.15 19.01 0.89
N LYS A 353 -30.61 20.22 1.09
CA LYS A 353 -31.25 21.45 0.61
C LYS A 353 -30.58 22.07 -0.60
N ALA A 354 -29.33 21.74 -0.89
CA ALA A 354 -28.64 22.34 -2.02
C ALA A 354 -28.14 21.33 -3.04
N GLY A 355 -28.21 20.04 -2.74
CA GLY A 355 -27.58 19.05 -3.60
C GLY A 355 -26.10 19.30 -3.81
N VAL A 356 -25.40 19.72 -2.76
CA VAL A 356 -23.94 19.89 -2.75
C VAL A 356 -23.39 19.09 -1.57
N LEU A 357 -22.40 18.23 -1.85
CA LEU A 357 -21.65 17.54 -0.81
C LEU A 357 -20.41 18.35 -0.43
N LEU A 358 -20.31 18.75 0.83
CA LEU A 358 -19.20 19.56 1.32
C LEU A 358 -18.82 19.12 2.72
N GLU A 359 -17.72 19.69 3.22
CA GLU A 359 -17.32 19.47 4.60
C GLU A 359 -17.44 20.77 5.41
N GLY A 360 -17.54 20.62 6.73
CA GLY A 360 -17.62 21.80 7.56
C GLY A 360 -17.76 21.44 9.02
N GLY A 361 -17.90 22.48 9.84
CA GLY A 361 -18.14 22.27 11.25
C GLY A 361 -17.03 21.49 11.91
N ASN A 362 -17.40 20.55 12.79
CA ASN A 362 -16.38 19.84 13.54
C ASN A 362 -15.68 18.77 12.73
N MET A 363 -15.80 18.80 11.40
CA MET A 363 -14.93 17.90 10.66
C MET A 363 -13.49 18.36 10.72
N PHE A 364 -13.23 19.56 11.22
CA PHE A 364 -11.88 20.09 11.34
C PHE A 364 -11.53 20.36 12.81
N VAL A 365 -11.95 19.41 13.65
CA VAL A 365 -11.62 19.25 15.06
C VAL A 365 -12.28 20.32 15.92
N GLN A 366 -11.84 21.56 15.81
CA GLN A 366 -12.44 22.65 16.55
C GLN A 366 -12.02 23.96 15.86
N ASN A 367 -12.48 25.07 16.40
CA ASN A 367 -12.13 26.38 15.86
C ASN A 367 -12.63 26.51 14.41
N SER A 368 -13.79 25.90 14.13
CA SER A 368 -14.40 25.91 12.82
C SER A 368 -15.93 25.95 12.90
N ASP A 369 -16.49 26.62 13.92
CA ASP A 369 -17.94 26.78 14.02
C ASP A 369 -18.48 27.52 12.80
N CYS A 370 -19.52 26.97 12.19
CA CYS A 370 -20.25 27.60 11.09
C CYS A 370 -19.42 27.77 9.83
N PHE A 371 -18.30 27.06 9.73
CA PHE A 371 -17.50 27.06 8.52
C PHE A 371 -17.89 25.89 7.61
N ILE A 372 -17.82 26.14 6.31
CA ILE A 372 -17.85 25.06 5.33
C ILE A 372 -16.52 25.09 4.59
N ARG A 373 -16.12 23.94 4.07
CA ARG A 373 -14.96 23.82 3.20
C ARG A 373 -15.40 23.32 1.82
N LEU A 374 -14.96 24.01 0.78
CA LEU A 374 -15.33 23.71 -0.59
C LEU A 374 -14.10 23.28 -1.38
N ASN A 375 -14.22 22.16 -2.10
CA ASN A 375 -13.19 21.73 -3.04
C ASN A 375 -13.46 22.44 -4.36
N LEU A 376 -12.53 23.27 -4.80
CA LEU A 376 -12.68 24.03 -6.04
C LEU A 376 -11.89 23.46 -7.20
N ALA A 377 -11.32 22.26 -7.05
CA ALA A 377 -10.50 21.68 -8.11
C ALA A 377 -11.38 20.92 -9.10
N CYS A 378 -12.22 21.70 -9.77
CA CYS A 378 -13.16 21.19 -10.77
C CYS A 378 -13.34 22.28 -11.81
N PRO A 379 -13.81 21.93 -13.02
CA PRO A 379 -14.04 22.96 -14.04
C PRO A 379 -14.94 24.07 -13.52
N LYS A 380 -14.66 25.30 -14.01
CA LYS A 380 -15.39 26.48 -13.58
C LYS A 380 -16.91 26.30 -13.74
N SER A 381 -17.33 25.56 -14.77
CA SER A 381 -18.76 25.36 -14.99
C SER A 381 -19.40 24.54 -13.86
N ILE A 382 -18.73 23.48 -13.42
CA ILE A 382 -19.27 22.68 -12.33
C ILE A 382 -19.23 23.46 -11.02
N LEU A 383 -18.18 24.27 -10.82
CA LEU A 383 -18.08 25.09 -9.61
C LEU A 383 -19.21 26.11 -9.52
N GLU A 384 -19.52 26.75 -10.65
CA GLU A 384 -20.61 27.72 -10.68
C GLU A 384 -21.93 27.08 -10.27
N LYS A 385 -22.22 25.88 -10.77
CA LYS A 385 -23.42 25.18 -10.30
C LYS A 385 -23.36 25.01 -8.79
N GLY A 386 -22.19 24.64 -8.26
CA GLY A 386 -22.08 24.43 -6.83
C GLY A 386 -22.39 25.69 -6.03
N LEU A 387 -21.79 26.81 -6.43
CA LEU A 387 -22.01 28.09 -5.74
C LEU A 387 -23.45 28.55 -5.84
N LYS A 388 -24.05 28.44 -7.03
CA LYS A 388 -25.46 28.83 -7.16
C LYS A 388 -26.33 28.00 -6.23
N ARG A 389 -26.09 26.70 -6.17
CA ARG A 389 -26.89 25.86 -5.29
C ARG A 389 -26.71 26.28 -3.84
N ILE A 390 -25.47 26.56 -3.42
CA ILE A 390 -25.21 26.90 -2.03
C ILE A 390 -25.93 28.19 -1.64
N CYS A 391 -25.70 29.26 -2.41
CA CYS A 391 -26.27 30.56 -2.09
C CYS A 391 -27.80 30.51 -2.14
N LYS A 392 -28.35 29.87 -3.17
CA LYS A 392 -29.80 29.74 -3.26
C LYS A 392 -30.37 29.06 -2.02
N ALA A 393 -29.71 27.98 -1.55
CA ALA A 393 -30.25 27.23 -0.42
C ALA A 393 -30.12 28.00 0.88
N VAL A 394 -29.05 28.77 1.04
CA VAL A 394 -28.87 29.52 2.28
C VAL A 394 -29.85 30.69 2.33
N ASN A 395 -30.01 31.39 1.21
CA ASN A 395 -30.93 32.53 1.17
C ASN A 395 -32.34 32.09 1.51
N GLU A 396 -32.80 31.01 0.88
CA GLU A 396 -34.15 30.50 1.13
C GLU A 396 -34.32 30.02 2.57
N LYS A 397 -33.25 29.85 3.32
CA LYS A 397 -33.36 29.55 4.74
C LYS A 397 -33.65 30.82 5.53
N MET B 1 -2.56 -19.02 -27.93
CA MET B 1 -1.17 -19.44 -27.76
C MET B 1 -0.30 -18.26 -27.38
N TYR B 2 0.77 -18.52 -26.63
CA TYR B 2 1.63 -17.49 -26.07
C TYR B 2 3.09 -17.84 -26.34
N ASN B 3 3.95 -16.83 -26.32
CA ASN B 3 5.35 -17.00 -26.68
C ASN B 3 6.19 -16.95 -25.41
N PHE B 4 6.19 -18.07 -24.68
CA PHE B 4 7.00 -18.15 -23.48
C PHE B 4 8.48 -18.23 -23.81
N ASP B 5 8.82 -18.44 -25.06
CA ASP B 5 10.22 -18.45 -25.46
C ASP B 5 10.80 -17.07 -25.58
N GLU B 6 9.96 -16.04 -25.54
CA GLU B 6 10.47 -14.68 -25.67
C GLU B 6 11.37 -14.30 -24.51
N ILE B 7 12.55 -13.81 -24.86
CA ILE B 7 13.44 -13.21 -23.88
C ILE B 7 13.00 -11.77 -23.64
N ILE B 8 12.91 -11.39 -22.38
CA ILE B 8 12.42 -10.08 -21.97
C ILE B 8 13.53 -9.43 -21.17
N ASP B 9 14.06 -8.33 -21.66
CA ASP B 9 15.13 -7.67 -20.90
C ASP B 9 16.30 -8.65 -20.69
N ARG B 10 17.34 -8.25 -19.96
CA ARG B 10 18.40 -9.21 -19.62
C ARG B 10 18.79 -9.08 -18.15
N ASP B 38 27.22 -7.83 -10.24
CA ASP B 38 26.17 -8.07 -11.23
C ASP B 38 26.59 -7.87 -12.68
N GLU B 39 26.92 -8.97 -13.35
CA GLU B 39 27.24 -8.96 -14.79
C GLU B 39 26.33 -9.93 -15.54
N GLU B 40 26.94 -10.92 -16.21
CA GLU B 40 26.20 -11.87 -17.07
C GLU B 40 25.63 -13.04 -16.25
N PHE B 41 24.82 -12.68 -15.25
CA PHE B 41 24.26 -13.68 -14.36
C PHE B 41 23.01 -14.32 -14.95
N ILE B 42 22.98 -15.65 -14.96
CA ILE B 42 21.73 -16.39 -14.98
C ILE B 42 21.15 -16.31 -13.58
N ARG B 43 19.94 -15.82 -13.48
CA ARG B 43 19.32 -15.48 -12.21
C ARG B 43 18.17 -16.43 -11.90
N MET B 44 18.34 -17.22 -10.84
CA MET B 44 17.27 -18.06 -10.28
C MET B 44 17.14 -17.68 -8.81
N TRP B 45 17.08 -16.35 -8.58
CA TRP B 45 17.00 -15.68 -7.28
C TRP B 45 15.60 -15.09 -7.12
N VAL B 46 15.02 -15.28 -5.94
CA VAL B 46 13.69 -14.79 -5.57
C VAL B 46 12.61 -15.34 -6.51
N ALA B 47 11.45 -15.68 -5.93
CA ALA B 47 10.39 -16.36 -6.66
C ALA B 47 9.54 -15.32 -7.40
N ASP B 48 10.12 -14.80 -8.50
CA ASP B 48 9.31 -14.24 -9.57
C ASP B 48 9.85 -14.69 -10.92
N MET B 49 9.00 -14.53 -11.92
CA MET B 49 9.16 -15.16 -13.22
C MET B 49 9.89 -14.25 -14.18
N GLU B 50 10.52 -14.88 -15.18
CA GLU B 50 11.06 -14.14 -16.31
C GLU B 50 10.06 -13.98 -17.44
N PHE B 51 8.89 -14.61 -17.33
CA PHE B 51 7.82 -14.45 -18.29
C PHE B 51 7.10 -13.12 -18.12
N ALA B 52 6.56 -12.61 -19.22
CA ALA B 52 5.78 -11.38 -19.17
C ALA B 52 4.43 -11.65 -18.53
N THR B 53 3.96 -10.65 -17.79
CA THR B 53 2.57 -10.64 -17.34
C THR B 53 1.67 -10.73 -18.57
N PRO B 54 0.61 -11.53 -18.52
CA PRO B 54 -0.33 -11.60 -19.66
C PRO B 54 -0.84 -10.22 -20.05
N GLN B 55 -1.02 -10.05 -21.36
CA GLN B 55 -1.54 -8.82 -21.94
C GLN B 55 -2.96 -8.48 -21.49
N VAL B 56 -3.74 -9.47 -21.06
CA VAL B 56 -5.09 -9.18 -20.54
C VAL B 56 -5.01 -8.31 -19.29
N ILE B 57 -4.09 -8.64 -18.38
CA ILE B 57 -3.92 -7.85 -17.17
C ILE B 57 -3.40 -6.45 -17.52
N ILE B 58 -2.37 -6.38 -18.39
CA ILE B 58 -1.82 -5.07 -18.77
C ILE B 58 -2.88 -4.19 -19.40
N ASP B 59 -3.73 -4.78 -20.25
CA ASP B 59 -4.83 -4.02 -20.85
C ASP B 59 -5.82 -3.57 -19.79
N GLY B 60 -6.04 -4.38 -18.77
CA GLY B 60 -6.93 -3.96 -17.69
C GLY B 60 -6.40 -2.74 -16.95
N ILE B 61 -5.11 -2.69 -16.69
CA ILE B 61 -4.52 -1.53 -16.05
C ILE B 61 -4.62 -0.30 -16.95
N LYS B 62 -4.21 -0.46 -18.22
CA LYS B 62 -4.26 0.66 -19.17
C LYS B 62 -5.67 1.20 -19.31
N GLU B 63 -6.65 0.33 -19.23
CA GLU B 63 -8.05 0.74 -19.26
C GLU B 63 -8.38 1.64 -18.06
N ARG B 64 -7.88 1.30 -16.86
CA ARG B 64 -8.06 2.18 -15.71
C ARG B 64 -7.25 3.46 -15.86
N LEU B 65 -6.06 3.35 -16.45
CA LEU B 65 -5.25 4.53 -16.75
C LEU B 65 -6.02 5.54 -17.58
N ASP B 66 -6.85 5.05 -18.50
CA ASP B 66 -7.60 5.90 -19.40
C ASP B 66 -8.76 6.60 -18.73
N LYS B 67 -9.12 6.23 -17.51
CA LYS B 67 -10.10 7.02 -16.77
C LYS B 67 -9.50 8.31 -16.23
N ARG B 68 -8.17 8.43 -16.26
CA ARG B 68 -7.40 9.67 -16.15
C ARG B 68 -7.34 10.31 -14.76
N ILE B 69 -8.04 9.78 -13.77
CA ILE B 69 -8.00 10.32 -12.41
C ILE B 69 -7.64 9.19 -11.47
N PHE B 70 -6.83 9.50 -10.46
CA PHE B 70 -6.30 8.50 -9.52
C PHE B 70 -6.46 8.95 -8.08
N GLY B 71 -7.67 9.35 -7.72
CA GLY B 71 -7.96 9.79 -6.36
C GLY B 71 -8.17 8.64 -5.41
N TYR B 72 -8.79 8.96 -4.27
CA TYR B 72 -8.95 8.00 -3.19
C TYR B 72 -9.82 6.84 -3.64
N THR B 73 -9.40 5.63 -3.32
CA THR B 73 -9.98 4.46 -3.94
C THR B 73 -10.20 3.38 -2.90
N LYS B 74 -11.41 2.87 -2.86
CA LYS B 74 -11.72 1.66 -2.13
C LYS B 74 -12.38 0.68 -3.09
N ILE B 75 -12.33 -0.61 -2.74
CA ILE B 75 -12.97 -1.59 -3.59
C ILE B 75 -14.47 -1.56 -3.30
N PHE B 76 -15.19 -0.68 -4.01
CA PHE B 76 -16.61 -0.44 -3.80
C PHE B 76 -17.49 -1.38 -4.62
N SER B 77 -17.17 -1.64 -5.88
CA SER B 77 -18.06 -2.49 -6.65
C SER B 77 -17.84 -3.94 -6.27
N ASN B 78 -18.80 -4.77 -6.64
CA ASN B 78 -18.65 -6.19 -6.35
C ASN B 78 -17.84 -6.94 -7.38
N ASP B 79 -17.33 -6.24 -8.40
CA ASP B 79 -16.62 -6.91 -9.49
C ASP B 79 -15.44 -7.72 -8.96
N TYR B 80 -14.57 -7.09 -8.17
CA TYR B 80 -13.37 -7.82 -7.76
C TYR B 80 -13.75 -9.06 -6.97
N TYR B 81 -14.70 -8.95 -6.06
CA TYR B 81 -15.16 -10.13 -5.34
C TYR B 81 -15.66 -11.20 -6.30
N ASN B 82 -16.58 -10.85 -7.21
CA ASN B 82 -17.12 -11.84 -8.16
C ASN B 82 -16.00 -12.54 -8.91
N ALA B 83 -15.03 -11.78 -9.43
CA ALA B 83 -13.98 -12.40 -10.22
C ALA B 83 -13.18 -13.40 -9.38
N PHE B 84 -12.74 -12.96 -8.19
CA PHE B 84 -11.95 -13.85 -7.34
C PHE B 84 -12.81 -14.98 -6.77
N SER B 85 -14.06 -14.67 -6.43
CA SER B 85 -14.98 -15.69 -5.93
C SER B 85 -15.20 -16.78 -6.98
N ASP B 86 -15.54 -16.40 -8.21
CA ASP B 86 -15.72 -17.36 -9.29
C ASP B 86 -14.44 -18.12 -9.58
N TRP B 87 -13.29 -17.42 -9.50
CA TRP B 87 -12.02 -18.09 -9.71
C TRP B 87 -11.85 -19.22 -8.71
N CYS B 88 -12.15 -18.96 -7.43
CA CYS B 88 -12.06 -20.02 -6.43
C CYS B 88 -13.13 -21.07 -6.65
N GLN B 89 -14.34 -20.64 -6.99
CA GLN B 89 -15.43 -21.55 -7.24
C GLN B 89 -15.06 -22.58 -8.30
N ARG B 90 -14.70 -22.11 -9.50
CA ARG B 90 -14.54 -23.01 -10.65
C ARG B 90 -13.18 -23.69 -10.73
N ARG B 91 -12.20 -23.26 -9.94
CA ARG B 91 -10.90 -23.94 -9.94
C ARG B 91 -10.68 -24.85 -8.74
N TYR B 92 -11.37 -24.63 -7.61
CA TYR B 92 -11.20 -25.50 -6.46
C TYR B 92 -12.52 -26.00 -5.88
N GLY B 93 -13.66 -25.52 -6.37
CA GLY B 93 -14.92 -25.83 -5.73
C GLY B 93 -15.04 -25.24 -4.33
N TRP B 94 -14.46 -24.07 -4.10
CA TRP B 94 -14.48 -23.44 -2.79
C TRP B 94 -15.06 -22.04 -2.89
N ASN B 95 -15.78 -21.62 -1.85
CA ASN B 95 -16.25 -20.24 -1.80
C ASN B 95 -16.13 -19.71 -0.38
N PHE B 96 -16.19 -18.39 -0.29
CA PHE B 96 -16.05 -17.65 0.96
C PHE B 96 -17.01 -16.48 0.91
N GLU B 97 -17.42 -16.03 2.09
CA GLU B 97 -18.30 -14.89 2.19
C GLU B 97 -17.54 -13.63 1.80
N LYS B 98 -18.20 -12.76 1.02
CA LYS B 98 -17.57 -11.51 0.64
C LYS B 98 -17.06 -10.74 1.86
N LYS B 99 -17.79 -10.79 2.97
CA LYS B 99 -17.42 -10.03 4.16
C LYS B 99 -16.20 -10.58 4.88
N HIS B 100 -15.79 -11.83 4.62
CA HIS B 100 -14.56 -12.34 5.21
C HIS B 100 -13.31 -11.88 4.50
N LEU B 101 -13.45 -11.20 3.36
CA LEU B 101 -12.32 -10.82 2.52
C LEU B 101 -11.78 -9.45 2.92
N VAL B 102 -10.50 -9.40 3.30
CA VAL B 102 -9.78 -8.14 3.47
C VAL B 102 -8.53 -8.15 2.58
N MET B 103 -8.02 -6.95 2.31
CA MET B 103 -6.87 -6.79 1.43
C MET B 103 -5.60 -6.50 2.21
N SER B 104 -4.48 -6.89 1.62
CA SER B 104 -3.17 -6.67 2.20
C SER B 104 -2.17 -6.31 1.10
N ASN B 105 -1.06 -5.68 1.51
CA ASN B 105 0.07 -5.36 0.65
C ASN B 105 0.83 -6.56 0.15
N GLY B 106 0.50 -7.75 0.58
CA GLY B 106 1.37 -8.89 0.39
C GLY B 106 1.18 -9.85 1.54
N ILE B 107 1.62 -11.09 1.30
CA ILE B 107 1.40 -12.10 2.32
C ILE B 107 2.42 -11.97 3.42
N ILE B 108 3.62 -11.47 3.12
CA ILE B 108 4.63 -11.28 4.16
C ILE B 108 4.11 -10.27 5.17
N PRO B 109 3.73 -9.05 4.77
CA PRO B 109 3.13 -8.13 5.76
C PRO B 109 1.93 -8.73 6.50
N ALA B 110 1.06 -9.44 5.79
CA ALA B 110 -0.05 -10.10 6.46
C ALA B 110 0.45 -11.04 7.55
N LEU B 111 1.48 -11.84 7.23
CA LEU B 111 2.06 -12.75 8.22
C LEU B 111 2.60 -12.00 9.44
N TYR B 112 3.26 -10.87 9.20
CA TYR B 112 3.87 -10.15 10.32
C TYR B 112 2.80 -9.57 11.25
N GLU B 113 1.70 -9.08 10.68
CA GLU B 113 0.63 -8.50 11.48
C GLU B 113 -0.23 -9.58 12.12
N LEU B 114 -0.60 -10.60 11.34
CA LEU B 114 -1.44 -11.66 11.88
C LEU B 114 -0.77 -12.35 13.04
N VAL B 115 0.55 -12.48 13.01
CA VAL B 115 1.24 -13.06 14.15
C VAL B 115 0.93 -12.25 15.41
N GLN B 116 0.91 -10.92 15.30
CA GLN B 116 0.68 -10.09 16.48
C GLN B 116 -0.78 -10.07 16.91
N TYR B 117 -1.71 -10.25 16.00
CA TYR B 117 -3.11 -10.25 16.38
C TYR B 117 -3.51 -11.57 17.05
N ILE B 118 -2.85 -12.67 16.71
CA ILE B 118 -3.23 -14.00 17.14
C ILE B 118 -2.40 -14.48 18.33
N CYS B 119 -1.09 -14.34 18.26
CA CYS B 119 -0.20 -14.85 19.28
C CYS B 119 0.13 -13.76 20.30
N LYS B 120 -0.03 -14.08 21.57
CA LYS B 120 0.57 -13.24 22.60
C LYS B 120 2.07 -13.49 22.61
N LYS B 121 2.86 -12.46 22.95
CA LYS B 121 4.28 -12.72 23.19
C LYS B 121 4.36 -13.86 24.18
N ASP B 122 5.36 -14.72 24.03
CA ASP B 122 5.58 -15.97 24.78
C ASP B 122 4.84 -17.13 24.12
N GLU B 123 4.04 -16.89 23.08
CA GLU B 123 3.44 -17.98 22.35
C GLU B 123 4.27 -18.29 21.12
N LYS B 124 4.03 -19.47 20.57
CA LYS B 124 4.87 -20.07 19.55
C LYS B 124 4.13 -20.17 18.22
N VAL B 125 4.90 -20.14 17.15
CA VAL B 125 4.38 -20.13 15.79
C VAL B 125 4.99 -21.34 15.10
N LEU B 126 4.15 -22.30 14.75
CA LEU B 126 4.58 -23.59 14.21
C LEU B 126 4.50 -23.59 12.70
N PHE B 127 5.49 -24.21 12.04
CA PHE B 127 5.40 -24.40 10.60
C PHE B 127 6.30 -25.56 10.24
N LEU B 128 6.10 -26.05 9.01
CA LEU B 128 6.76 -27.25 8.50
C LEU B 128 8.07 -26.88 7.81
N THR B 129 9.17 -27.61 8.13
CA THR B 129 10.44 -27.23 7.53
C THR B 129 10.96 -28.32 6.59
N PRO B 130 11.67 -27.96 5.50
CA PRO B 130 12.09 -26.61 5.12
C PRO B 130 10.92 -25.69 4.78
N SER B 131 11.06 -24.39 4.98
CA SER B 131 10.00 -23.49 4.55
C SER B 131 10.57 -22.17 4.06
N TYR B 132 9.72 -21.40 3.41
CA TYR B 132 9.93 -19.98 3.23
C TYR B 132 10.45 -19.38 4.54
N ALA B 133 11.62 -18.75 4.49
CA ALA B 133 12.24 -18.27 5.72
C ALA B 133 11.41 -17.20 6.42
N TYR B 134 10.50 -16.57 5.69
CA TYR B 134 9.66 -15.52 6.26
C TYR B 134 8.60 -16.07 7.20
N PHE B 135 8.37 -17.38 7.19
CA PHE B 135 7.58 -17.96 8.27
C PHE B 135 8.30 -17.78 9.60
N LYS B 136 9.63 -17.97 9.60
CA LYS B 136 10.41 -17.74 10.81
C LYS B 136 10.47 -16.27 11.17
N TYR B 137 10.77 -15.40 10.19
CA TYR B 137 10.96 -13.98 10.49
C TYR B 137 9.67 -13.35 11.00
N ALA B 138 8.52 -13.78 10.48
CA ALA B 138 7.24 -13.25 10.96
C ALA B 138 7.11 -13.45 12.46
N ALA B 139 7.62 -14.57 12.98
CA ALA B 139 7.55 -14.79 14.42
C ALA B 139 8.62 -13.99 15.16
N ASP B 140 9.86 -14.04 14.69
CA ASP B 140 10.93 -13.26 15.31
C ASP B 140 10.59 -11.77 15.32
N PHE B 141 9.90 -11.31 14.28
CA PHE B 141 9.62 -9.88 14.16
C PHE B 141 9.02 -9.32 15.43
N SER B 142 7.97 -9.96 15.95
CA SER B 142 7.29 -9.47 17.15
C SER B 142 7.62 -10.31 18.39
N ASN B 143 8.79 -10.96 18.40
CA ASN B 143 9.30 -11.70 19.56
C ASN B 143 8.39 -12.86 19.95
N ARG B 144 7.62 -13.38 19.01
CA ARG B 144 7.04 -14.68 19.19
C ARG B 144 8.11 -15.73 18.88
N THR B 145 7.79 -16.99 19.18
CA THR B 145 8.80 -18.04 19.09
C THR B 145 8.51 -18.94 17.91
N PRO B 146 9.44 -19.07 16.97
CA PRO B 146 9.25 -20.00 15.84
C PRO B 146 9.61 -21.43 16.24
N ILE B 147 8.73 -22.38 15.90
CA ILE B 147 9.02 -23.81 16.09
C ILE B 147 8.73 -24.53 14.78
N CYS B 148 9.45 -25.63 14.54
CA CYS B 148 9.48 -26.30 13.25
C CYS B 148 9.15 -27.77 13.40
N SER B 149 8.33 -28.29 12.49
CA SER B 149 8.13 -29.74 12.33
C SER B 149 8.79 -30.13 11.01
N ASP B 150 9.90 -30.87 11.09
CA ASP B 150 10.59 -31.28 9.88
C ASP B 150 9.74 -32.26 9.08
N LEU B 151 9.66 -32.01 7.77
CA LEU B 151 9.05 -32.98 6.87
C LEU B 151 9.99 -34.17 6.70
N ILE B 152 9.47 -35.25 6.14
CA ILE B 152 10.22 -36.48 5.99
C ILE B 152 10.46 -36.72 4.51
N ASP B 153 11.73 -36.84 4.17
CA ASP B 153 12.21 -36.99 2.82
C ASP B 153 12.41 -38.47 2.53
N ASN B 154 11.43 -39.11 1.91
CA ASN B 154 11.61 -40.45 1.36
C ASN B 154 11.91 -40.34 -0.12
N ASP B 155 13.19 -40.25 -0.43
CA ASP B 155 13.67 -40.23 -1.81
C ASP B 155 12.97 -39.13 -2.61
N GLY B 156 13.02 -37.91 -2.08
CA GLY B 156 12.51 -36.75 -2.77
C GLY B 156 11.04 -36.48 -2.55
N TYR B 157 10.30 -37.46 -2.04
CA TYR B 157 8.89 -37.28 -1.73
C TYR B 157 8.77 -36.95 -0.24
N TYR B 158 8.24 -35.75 0.04
CA TYR B 158 8.13 -35.25 1.40
C TYR B 158 6.76 -35.57 1.98
N THR B 159 6.77 -35.97 3.26
CA THR B 159 5.55 -36.27 4.00
C THR B 159 5.62 -35.58 5.35
N ILE B 160 4.47 -35.51 6.03
CA ILE B 160 4.38 -34.84 7.32
C ILE B 160 4.59 -35.87 8.43
N ASP B 161 5.47 -35.53 9.38
CA ASP B 161 5.59 -36.33 10.60
C ASP B 161 4.44 -35.92 11.53
N PHE B 162 3.28 -36.55 11.29
CA PHE B 162 2.05 -36.13 11.96
C PHE B 162 2.11 -36.27 13.48
N GLU B 163 2.88 -37.23 14.01
CA GLU B 163 2.96 -37.30 15.47
C GLU B 163 3.86 -36.19 16.01
N ASP B 164 4.98 -35.93 15.34
CA ASP B 164 5.77 -34.75 15.68
C ASP B 164 4.93 -33.48 15.56
N PHE B 165 4.05 -33.40 14.57
CA PHE B 165 3.24 -32.21 14.41
C PHE B 165 2.21 -32.10 15.53
N GLU B 166 1.52 -33.19 15.85
CA GLU B 166 0.53 -33.11 16.94
C GLU B 166 1.19 -32.81 18.28
N LYS B 167 2.39 -33.36 18.51
CA LYS B 167 3.13 -33.08 19.73
C LYS B 167 3.39 -31.59 19.90
N LYS B 168 3.88 -30.94 18.83
CA LYS B 168 4.19 -29.52 18.91
C LYS B 168 2.93 -28.67 18.91
N ALA B 169 1.88 -29.08 18.19
CA ALA B 169 0.62 -28.35 18.19
C ALA B 169 -0.05 -28.40 19.56
N ALA B 170 0.06 -29.56 20.24
CA ALA B 170 -0.65 -29.78 21.51
C ALA B 170 -0.19 -28.81 22.59
N ASP B 171 1.09 -28.43 22.58
CA ASP B 171 1.61 -27.42 23.48
C ASP B 171 0.63 -26.25 23.57
N GLU B 172 0.24 -25.91 24.81
CA GLU B 172 -0.76 -24.87 24.98
C GLU B 172 -0.21 -23.50 24.62
N LYS B 173 1.11 -23.33 24.67
CA LYS B 173 1.71 -22.08 24.21
C LYS B 173 1.78 -22.00 22.69
N THR B 174 1.70 -23.15 21.99
CA THR B 174 1.72 -23.16 20.54
C THR B 174 0.34 -22.79 20.02
N THR B 175 0.24 -21.64 19.39
CA THR B 175 -1.03 -20.99 19.11
C THR B 175 -1.34 -20.86 17.63
N LEU B 176 -0.32 -20.81 16.78
CA LEU B 176 -0.48 -20.52 15.37
C LEU B 176 0.30 -21.52 14.54
N PHE B 177 -0.37 -22.07 13.54
CA PHE B 177 0.27 -22.92 12.56
C PHE B 177 0.22 -22.19 11.22
N ILE B 178 1.39 -21.95 10.64
CA ILE B 178 1.47 -21.38 9.30
C ILE B 178 1.69 -22.54 8.35
N LEU B 179 0.66 -22.84 7.57
CA LEU B 179 0.70 -23.90 6.58
C LEU B 179 1.00 -23.28 5.23
N CYS B 180 1.88 -23.93 4.49
CA CYS B 180 2.17 -23.55 3.11
C CYS B 180 1.53 -24.59 2.21
N ASN B 181 0.43 -24.20 1.57
CA ASN B 181 -0.42 -25.13 0.85
C ASN B 181 -0.74 -24.59 -0.55
N PRO B 182 0.02 -24.98 -1.59
CA PRO B 182 1.09 -25.95 -1.74
C PRO B 182 2.35 -25.48 -1.08
N HIS B 183 3.25 -26.42 -0.83
CA HIS B 183 4.38 -26.14 0.03
C HIS B 183 5.56 -25.59 -0.74
N ASN B 184 6.21 -24.60 -0.15
CA ASN B 184 7.40 -23.96 -0.66
C ASN B 184 8.47 -24.16 0.41
N PRO B 185 9.63 -24.80 0.11
CA PRO B 185 10.17 -25.15 -1.22
C PRO B 185 10.03 -26.57 -1.75
N THR B 186 9.32 -27.49 -1.09
CA THR B 186 9.30 -28.85 -1.63
C THR B 186 8.38 -28.96 -2.84
N GLY B 187 7.36 -28.11 -2.92
CA GLY B 187 6.41 -28.20 -4.01
C GLY B 187 5.27 -29.15 -3.77
N ARG B 188 5.18 -29.75 -2.57
CA ARG B 188 4.10 -30.70 -2.27
C ARG B 188 2.74 -30.06 -2.47
N VAL B 189 1.89 -30.74 -3.22
CA VAL B 189 0.46 -30.46 -3.27
C VAL B 189 -0.19 -31.38 -2.25
N TRP B 190 -0.61 -30.83 -1.11
CA TRP B 190 -1.09 -31.66 -0.01
C TRP B 190 -2.40 -32.35 -0.37
N LYS B 191 -2.42 -33.68 -0.24
CA LYS B 191 -3.62 -34.45 -0.56
C LYS B 191 -4.70 -34.20 0.49
N GLU B 192 -5.93 -34.61 0.16
CA GLU B 192 -7.07 -34.33 1.05
C GLU B 192 -6.88 -34.93 2.42
N GLU B 193 -6.37 -36.16 2.50
CA GLU B 193 -6.20 -36.78 3.80
C GLU B 193 -5.19 -36.02 4.65
N GLU B 194 -4.09 -35.58 4.02
CA GLU B 194 -3.07 -34.82 4.75
C GLU B 194 -3.66 -33.53 5.31
N LEU B 195 -4.43 -32.81 4.51
CA LEU B 195 -5.00 -31.58 5.01
C LEU B 195 -6.01 -31.85 6.11
N LYS B 196 -6.82 -32.90 5.97
CA LYS B 196 -7.77 -33.27 7.01
C LYS B 196 -7.06 -33.53 8.34
N LYS B 197 -5.99 -34.33 8.32
CA LYS B 197 -5.32 -34.65 9.58
C LYS B 197 -4.68 -33.41 10.18
N LEU B 198 -4.05 -32.58 9.34
CA LEU B 198 -3.54 -31.29 9.81
C LEU B 198 -4.66 -30.44 10.40
N GLY B 199 -5.79 -30.36 9.71
CA GLY B 199 -6.87 -29.52 10.19
C GLY B 199 -7.49 -30.06 11.45
N LYS B 200 -7.73 -31.38 11.52
CA LYS B 200 -8.30 -31.94 12.74
C LYS B 200 -7.39 -31.74 13.94
N ILE B 201 -6.07 -31.90 13.77
CA ILE B 201 -5.14 -31.72 14.89
C ILE B 201 -5.25 -30.30 15.44
N CYS B 202 -5.27 -29.30 14.56
CA CYS B 202 -5.37 -27.91 14.99
C CYS B 202 -6.73 -27.60 15.59
N GLU B 203 -7.79 -28.25 15.10
CA GLU B 203 -9.11 -28.09 15.71
C GLU B 203 -9.12 -28.66 17.12
N LYS B 204 -8.39 -29.75 17.33
CA LYS B 204 -8.37 -30.41 18.62
C LYS B 204 -7.88 -29.46 19.71
N TYR B 205 -6.82 -28.71 19.43
CA TYR B 205 -6.19 -27.83 20.39
C TYR B 205 -6.53 -26.37 20.18
N ASP B 206 -7.50 -26.09 19.31
CA ASP B 206 -7.93 -24.72 18.98
C ASP B 206 -6.79 -23.87 18.42
N VAL B 207 -5.90 -24.49 17.65
CA VAL B 207 -4.79 -23.74 17.09
C VAL B 207 -5.24 -23.02 15.82
N TRP B 208 -4.95 -21.71 15.74
CA TRP B 208 -5.21 -20.92 14.54
C TRP B 208 -4.31 -21.36 13.39
N VAL B 209 -4.86 -21.37 12.18
CA VAL B 209 -4.10 -21.74 10.99
C VAL B 209 -4.17 -20.59 9.98
N ILE B 210 -3.00 -20.08 9.62
CA ILE B 210 -2.88 -19.25 8.43
C ILE B 210 -2.51 -20.18 7.28
N SER B 211 -3.37 -20.25 6.29
CA SER B 211 -3.12 -21.10 5.12
C SER B 211 -2.56 -20.17 4.06
N ASP B 212 -1.26 -20.28 3.84
CA ASP B 212 -0.57 -19.49 2.82
C ASP B 212 -0.68 -20.26 1.51
N GLU B 213 -1.63 -19.87 0.68
CA GLU B 213 -1.92 -20.58 -0.56
C GLU B 213 -1.51 -19.80 -1.81
N ILE B 214 -0.44 -19.02 -1.72
CA ILE B 214 0.00 -18.16 -2.82
C ILE B 214 0.44 -18.94 -4.06
N HIS B 215 0.84 -20.20 -3.94
CA HIS B 215 1.27 -20.97 -5.10
C HIS B 215 0.17 -21.87 -5.65
N CYS B 216 -1.08 -21.70 -5.21
CA CYS B 216 -2.09 -22.70 -5.46
C CYS B 216 -2.53 -22.81 -6.92
N ASP B 217 -2.14 -21.87 -7.78
CA ASP B 217 -2.36 -22.03 -9.22
C ASP B 217 -1.10 -22.38 -9.98
N LEU B 218 0.05 -22.44 -9.34
CA LEU B 218 1.27 -22.83 -10.04
C LEU B 218 1.55 -24.33 -9.87
N LEU B 219 0.55 -25.16 -10.22
CA LEU B 219 0.64 -26.61 -10.09
C LEU B 219 0.95 -27.25 -11.42
N ARG B 220 1.48 -28.48 -11.36
CA ARG B 220 1.63 -29.29 -12.56
C ARG B 220 0.23 -29.61 -13.10
N CYS B 221 0.16 -29.91 -14.39
CA CYS B 221 -1.14 -29.95 -15.06
C CYS B 221 -2.06 -31.03 -14.51
N ASP B 222 -1.53 -31.98 -13.76
CA ASP B 222 -2.31 -33.11 -13.26
C ASP B 222 -2.53 -33.05 -11.74
N LYS B 223 -2.57 -31.84 -11.17
CA LYS B 223 -2.73 -31.67 -9.74
C LYS B 223 -3.92 -30.77 -9.44
N GLN B 224 -4.63 -31.09 -8.36
CA GLN B 224 -5.72 -30.25 -7.89
C GLN B 224 -5.27 -29.57 -6.60
N HIS B 225 -5.69 -28.33 -6.43
CA HIS B 225 -5.43 -27.61 -5.20
C HIS B 225 -6.67 -27.71 -4.32
N ILE B 226 -6.46 -28.03 -3.05
CA ILE B 226 -7.55 -28.01 -2.08
C ILE B 226 -7.23 -26.95 -1.04
N PRO B 227 -7.97 -25.84 -1.00
CA PRO B 227 -7.86 -24.94 0.15
C PRO B 227 -8.20 -25.68 1.44
N LEU B 228 -7.41 -25.45 2.48
CA LEU B 228 -7.72 -26.05 3.78
C LEU B 228 -9.11 -25.69 4.24
N ALA B 229 -9.52 -24.44 4.08
CA ALA B 229 -10.83 -23.98 4.51
C ALA B 229 -11.97 -24.68 3.76
N LYS B 230 -11.71 -25.29 2.61
CA LYS B 230 -12.78 -26.04 1.96
C LYS B 230 -13.18 -27.25 2.80
N LEU B 231 -12.19 -27.92 3.39
CA LEU B 231 -12.42 -29.10 4.22
C LEU B 231 -12.96 -28.73 5.60
N PHE B 232 -12.68 -27.53 6.09
CA PHE B 232 -13.06 -27.11 7.42
C PHE B 232 -13.82 -25.79 7.32
N PRO B 233 -14.99 -25.81 6.68
CA PRO B 233 -15.72 -24.55 6.43
C PRO B 233 -16.33 -23.97 7.68
N ASN B 234 -16.31 -24.68 8.80
CA ASN B 234 -16.90 -24.19 10.04
C ASN B 234 -15.87 -23.84 11.09
N TYR B 235 -14.59 -24.04 10.82
CA TYR B 235 -13.54 -23.68 11.78
C TYR B 235 -13.21 -22.22 11.52
N LYS B 236 -13.77 -21.32 12.35
CA LYS B 236 -13.60 -19.89 12.15
C LYS B 236 -12.15 -19.42 12.32
N ARG B 237 -11.23 -20.29 12.71
CA ARG B 237 -9.85 -19.90 13.02
C ARG B 237 -8.85 -20.20 11.90
N ILE B 238 -9.32 -20.42 10.67
CA ILE B 238 -8.45 -20.56 9.51
C ILE B 238 -8.48 -19.24 8.77
N ILE B 239 -7.31 -18.75 8.40
CA ILE B 239 -7.17 -17.61 7.51
C ILE B 239 -6.57 -18.12 6.20
N THR B 240 -7.25 -17.89 5.10
CA THR B 240 -6.70 -18.27 3.79
C THR B 240 -6.11 -17.04 3.13
N CYS B 241 -4.90 -17.19 2.57
CA CYS B 241 -4.22 -16.11 1.85
C CYS B 241 -3.99 -16.51 0.39
N MET B 242 -4.43 -15.66 -0.53
CA MET B 242 -4.24 -15.88 -1.95
C MET B 242 -3.92 -14.55 -2.65
N ALA B 243 -3.21 -14.63 -3.77
CA ALA B 243 -2.80 -13.42 -4.49
C ALA B 243 -2.53 -13.76 -5.94
N PRO B 244 -2.81 -12.85 -6.86
CA PRO B 244 -2.40 -13.04 -8.26
C PRO B 244 -0.88 -12.84 -8.51
N SER B 245 -0.11 -12.63 -7.44
CA SER B 245 1.23 -12.09 -7.59
C SER B 245 2.22 -13.10 -8.17
N LYS B 246 2.35 -14.27 -7.56
CA LYS B 246 3.23 -15.29 -8.12
C LYS B 246 2.69 -15.76 -9.46
N THR B 247 1.38 -16.04 -9.52
CA THR B 247 0.78 -16.64 -10.70
C THR B 247 1.01 -15.78 -11.95
N PHE B 248 0.87 -14.46 -11.83
CA PHE B 248 0.87 -13.58 -13.00
C PHE B 248 2.01 -12.56 -12.97
N ASN B 249 2.99 -12.74 -12.09
CA ASN B 249 4.14 -11.85 -12.01
C ASN B 249 3.67 -10.45 -11.62
N LEU B 250 3.02 -10.37 -10.46
CA LEU B 250 2.40 -9.14 -10.01
C LEU B 250 2.74 -8.74 -8.58
N ALA B 251 3.79 -9.30 -7.99
CA ALA B 251 4.20 -8.96 -6.63
C ALA B 251 4.33 -7.45 -6.45
N GLY B 252 4.89 -6.77 -7.46
CA GLY B 252 5.02 -5.33 -7.37
C GLY B 252 3.70 -4.60 -7.12
N LEU B 253 2.57 -5.17 -7.58
CA LEU B 253 1.31 -4.46 -7.40
C LEU B 253 0.81 -4.46 -5.95
N MET B 254 1.43 -5.23 -5.06
CA MET B 254 1.16 -5.24 -3.63
C MET B 254 -0.34 -5.32 -3.31
N ILE B 255 -0.93 -6.44 -3.71
CA ILE B 255 -2.34 -6.68 -3.52
C ILE B 255 -2.56 -8.18 -3.31
N SER B 256 -3.22 -8.53 -2.22
CA SER B 256 -3.46 -9.94 -1.92
C SER B 256 -4.72 -10.07 -1.08
N ASN B 257 -5.33 -11.24 -1.19
CA ASN B 257 -6.58 -11.53 -0.53
C ASN B 257 -6.31 -12.29 0.76
N VAL B 258 -6.92 -11.81 1.84
CA VAL B 258 -6.82 -12.44 3.16
C VAL B 258 -8.24 -12.68 3.65
N ILE B 259 -8.61 -13.94 3.82
CA ILE B 259 -9.96 -14.36 4.14
C ILE B 259 -10.02 -14.76 5.61
N ILE B 260 -10.72 -13.95 6.41
CA ILE B 260 -10.77 -14.08 7.86
C ILE B 260 -12.20 -14.37 8.30
N PRO B 261 -12.57 -15.65 8.49
CA PRO B 261 -13.91 -15.95 9.01
C PRO B 261 -14.16 -15.36 10.38
N ASP B 262 -13.18 -15.42 11.27
CA ASP B 262 -13.36 -14.97 12.63
C ASP B 262 -13.67 -13.49 12.66
N ASP B 263 -14.88 -13.15 13.12
CA ASP B 263 -15.29 -11.75 13.16
C ASP B 263 -14.40 -10.93 14.09
N ASN B 264 -13.85 -11.55 15.14
CA ASN B 264 -13.01 -10.79 16.06
C ASN B 264 -11.69 -10.44 15.41
N LEU B 265 -11.00 -11.45 14.88
CA LEU B 265 -9.73 -11.21 14.19
C LEU B 265 -9.92 -10.23 13.05
N ARG B 266 -10.98 -10.39 12.26
CA ARG B 266 -11.20 -9.51 11.12
C ARG B 266 -11.40 -8.06 11.55
N GLU B 267 -12.24 -7.82 12.57
CA GLU B 267 -12.41 -6.45 13.08
C GLU B 267 -11.09 -5.87 13.60
N VAL B 268 -10.28 -6.68 14.29
CA VAL B 268 -8.94 -6.23 14.69
C VAL B 268 -8.11 -5.84 13.47
N TRP B 269 -8.06 -6.74 12.49
CA TRP B 269 -7.39 -6.42 11.24
C TRP B 269 -7.92 -5.11 10.66
N LEU B 270 -9.25 -4.96 10.58
CA LEU B 270 -9.78 -3.78 9.91
C LEU B 270 -9.46 -2.50 10.66
N SER B 271 -9.47 -2.55 11.99
CA SER B 271 -9.14 -1.36 12.77
C SER B 271 -7.65 -1.00 12.77
N LYS B 272 -6.77 -1.91 12.33
CA LYS B 272 -5.35 -1.61 12.33
C LYS B 272 -4.81 -1.26 10.95
N HIS B 273 -5.64 -1.21 9.92
CA HIS B 273 -5.19 -1.03 8.55
C HIS B 273 -5.76 0.22 7.90
N TYR B 274 -4.90 0.88 7.12
CA TYR B 274 -5.23 1.94 6.16
C TYR B 274 -5.96 1.31 4.99
N ASN B 275 -7.28 1.42 4.97
CA ASN B 275 -8.09 0.61 4.06
C ASN B 275 -8.38 1.32 2.72
N PHE B 276 -7.36 1.95 2.15
CA PHE B 276 -7.39 2.45 0.78
C PHE B 276 -6.62 1.52 -0.14
N ASP B 277 -7.01 1.48 -1.41
CA ASP B 277 -6.41 0.59 -2.40
C ASP B 277 -5.83 1.37 -3.56
N ASN B 278 -4.84 0.77 -4.22
CA ASN B 278 -4.32 1.35 -5.44
C ASN B 278 -5.20 0.96 -6.61
N PRO B 279 -5.86 1.91 -7.29
CA PRO B 279 -6.78 1.54 -8.36
C PRO B 279 -6.08 0.79 -9.49
N LEU B 280 -4.83 1.12 -9.80
CA LEU B 280 -4.12 0.36 -10.83
C LEU B 280 -3.88 -1.07 -10.35
N SER B 281 -3.63 -1.25 -9.05
CA SER B 281 -3.43 -2.60 -8.52
C SER B 281 -4.73 -3.40 -8.55
N VAL B 282 -5.84 -2.76 -8.18
CA VAL B 282 -7.13 -3.45 -8.22
C VAL B 282 -7.49 -3.82 -9.63
N ALA B 283 -7.25 -2.91 -10.58
CA ALA B 283 -7.57 -3.20 -11.97
C ALA B 283 -6.79 -4.38 -12.49
N GLY B 284 -5.50 -4.48 -12.10
CA GLY B 284 -4.68 -5.58 -12.58
C GLY B 284 -5.09 -6.91 -11.98
N ALA B 285 -5.30 -6.95 -10.67
CA ALA B 285 -5.71 -8.20 -10.05
C ALA B 285 -7.08 -8.62 -10.56
N GLN B 286 -7.99 -7.65 -10.73
CA GLN B 286 -9.30 -7.98 -11.27
C GLN B 286 -9.18 -8.59 -12.67
N ALA B 287 -8.36 -7.97 -13.53
CA ALA B 287 -8.12 -8.54 -14.85
C ALA B 287 -7.53 -9.94 -14.75
N ALA B 288 -6.61 -10.16 -13.81
CA ALA B 288 -6.03 -11.49 -13.65
C ALA B 288 -7.10 -12.54 -13.38
N TYR B 289 -8.06 -12.24 -12.51
CA TYR B 289 -9.06 -13.25 -12.17
C TYR B 289 -10.17 -13.34 -13.20
N GLU B 290 -10.47 -12.23 -13.91
CA GLU B 290 -11.48 -12.26 -14.97
C GLU B 290 -10.99 -13.00 -16.22
N LYS B 291 -9.83 -12.60 -16.75
CA LYS B 291 -9.40 -13.01 -18.10
C LYS B 291 -8.11 -13.83 -18.17
N GLY B 292 -7.43 -14.07 -17.06
CA GLY B 292 -6.10 -14.64 -17.04
C GLY B 292 -6.02 -16.15 -17.03
N GLU B 293 -7.14 -16.86 -17.07
CA GLU B 293 -7.05 -18.29 -16.90
C GLU B 293 -6.40 -18.97 -18.11
N ASP B 294 -6.74 -18.53 -19.33
CA ASP B 294 -6.21 -19.21 -20.50
C ASP B 294 -4.69 -19.12 -20.59
N TRP B 295 -4.13 -17.93 -20.32
CA TRP B 295 -2.67 -17.81 -20.30
C TRP B 295 -2.06 -18.69 -19.22
N LEU B 296 -2.76 -18.82 -18.08
CA LEU B 296 -2.29 -19.64 -16.96
C LEU B 296 -2.22 -21.12 -17.35
N LYS B 297 -3.20 -21.58 -18.11
CA LYS B 297 -3.17 -22.97 -18.55
C LYS B 297 -2.08 -23.18 -19.57
N GLU B 298 -1.77 -22.15 -20.36
CA GLU B 298 -0.62 -22.23 -21.25
C GLU B 298 0.68 -22.17 -20.47
N LEU B 299 0.71 -21.36 -19.42
CA LEU B 299 1.89 -21.31 -18.55
C LEU B 299 2.15 -22.67 -17.90
N GLN B 300 1.10 -23.31 -17.38
CA GLN B 300 1.26 -24.62 -16.76
C GLN B 300 1.87 -25.64 -17.73
N LYS B 301 1.42 -25.65 -18.98
CA LYS B 301 2.02 -26.57 -19.94
C LYS B 301 3.49 -26.27 -20.13
N TYR B 302 3.84 -24.99 -20.25
CA TYR B 302 5.23 -24.64 -20.48
C TYR B 302 6.09 -24.98 -19.27
N LEU B 303 5.55 -24.74 -18.06
CA LEU B 303 6.29 -25.11 -16.86
C LEU B 303 6.51 -26.62 -16.77
N ASP B 304 5.47 -27.39 -17.11
CA ASP B 304 5.60 -28.84 -17.07
C ASP B 304 6.73 -29.31 -17.97
N LYS B 305 6.76 -28.85 -19.22
CA LYS B 305 7.87 -29.19 -20.12
C LYS B 305 9.22 -28.75 -19.55
N ASN B 306 9.30 -27.55 -18.96
CA ASN B 306 10.56 -27.13 -18.35
C ASN B 306 10.97 -28.06 -17.20
N PHE B 307 10.00 -28.50 -16.38
CA PHE B 307 10.32 -29.45 -15.31
C PHE B 307 10.80 -30.77 -15.90
N GLU B 308 10.14 -31.23 -16.96
CA GLU B 308 10.50 -32.49 -17.59
C GLU B 308 11.93 -32.42 -18.15
N PHE B 309 12.22 -31.35 -18.89
CA PHE B 309 13.56 -31.14 -19.41
C PHE B 309 14.59 -31.08 -18.28
N THR B 310 14.22 -30.47 -17.15
CA THR B 310 15.16 -30.35 -16.05
C THR B 310 15.54 -31.73 -15.51
N LYS B 311 14.56 -32.63 -15.40
CA LYS B 311 14.89 -33.96 -14.90
C LYS B 311 15.81 -34.69 -15.87
N GLU B 312 15.44 -34.72 -17.15
CA GLU B 312 16.28 -35.37 -18.14
C GLU B 312 17.68 -34.78 -18.13
N TYR B 313 17.77 -33.45 -18.04
CA TYR B 313 19.07 -32.80 -18.09
C TYR B 313 19.93 -33.19 -16.91
N LEU B 314 19.34 -33.26 -15.72
CA LEU B 314 20.14 -33.58 -14.54
C LEU B 314 20.46 -35.06 -14.49
N ASN B 315 19.51 -35.91 -14.86
CA ASN B 315 19.78 -37.34 -14.96
C ASN B 315 20.96 -37.61 -15.90
N LYS B 316 21.03 -36.87 -17.02
CA LYS B 316 22.09 -37.06 -17.99
C LYS B 316 23.43 -36.46 -17.52
N ASN B 317 23.42 -35.28 -16.87
CA ASN B 317 24.66 -34.55 -16.64
C ASN B 317 25.06 -34.33 -15.18
N LEU B 318 24.16 -34.61 -14.22
CA LEU B 318 24.50 -34.63 -12.80
C LEU B 318 23.85 -35.86 -12.20
N PRO B 319 24.30 -37.05 -12.59
CA PRO B 319 23.50 -38.26 -12.31
C PRO B 319 23.38 -38.60 -10.83
N LYS B 320 24.25 -38.10 -9.97
CA LYS B 320 24.18 -38.27 -8.51
C LYS B 320 23.36 -37.19 -7.83
N ALA B 321 22.69 -36.31 -8.58
CA ALA B 321 21.80 -35.33 -7.98
C ALA B 321 20.42 -35.94 -7.84
N LYS B 322 19.78 -35.70 -6.71
CA LYS B 322 18.48 -36.31 -6.43
C LYS B 322 17.38 -35.27 -6.58
N PHE B 323 16.41 -35.57 -7.46
CA PHE B 323 15.49 -34.54 -7.92
C PHE B 323 14.15 -35.14 -8.27
N LYS B 324 13.10 -34.73 -7.57
CA LYS B 324 11.73 -35.09 -7.91
C LYS B 324 11.02 -33.85 -8.44
N ILE B 325 10.32 -34.01 -9.57
CA ILE B 325 9.60 -32.89 -10.15
C ILE B 325 8.61 -32.36 -9.13
N SER B 326 8.68 -31.06 -8.84
CA SER B 326 7.81 -30.48 -7.85
C SER B 326 6.36 -30.51 -8.33
N GLU B 327 5.44 -30.79 -7.40
CA GLU B 327 4.03 -30.81 -7.77
C GLU B 327 3.45 -29.41 -7.96
N ALA B 328 4.07 -28.40 -7.36
CA ALA B 328 3.61 -27.03 -7.50
C ALA B 328 4.82 -26.10 -7.43
N THR B 329 4.55 -24.81 -7.66
CA THR B 329 5.54 -23.76 -7.89
C THR B 329 6.29 -23.97 -9.20
N TYR B 330 7.03 -22.96 -9.63
CA TYR B 330 7.94 -23.07 -10.75
C TYR B 330 9.38 -23.20 -10.29
N LEU B 331 9.58 -23.78 -9.10
CA LEU B 331 10.88 -23.88 -8.47
C LEU B 331 11.23 -25.36 -8.32
N ALA B 332 12.37 -25.75 -8.86
CA ALA B 332 12.87 -27.11 -8.70
C ALA B 332 13.73 -27.18 -7.45
N TRP B 333 13.64 -28.29 -6.73
CA TRP B 333 14.29 -28.49 -5.44
C TRP B 333 15.26 -29.65 -5.59
N VAL B 334 16.56 -29.38 -5.63
CA VAL B 334 17.53 -30.39 -6.04
C VAL B 334 18.44 -30.77 -4.87
N ASN B 335 18.51 -32.07 -4.59
CA ASN B 335 19.35 -32.59 -3.52
C ASN B 335 20.73 -32.91 -4.08
N LEU B 336 21.75 -32.26 -3.53
CA LEU B 336 23.14 -32.52 -3.89
C LEU B 336 23.96 -33.05 -2.71
N GLU B 337 23.29 -33.68 -1.71
CA GLU B 337 23.91 -34.45 -0.62
C GLU B 337 25.25 -35.03 -1.09
N GLU B 338 25.24 -35.70 -2.25
CA GLU B 338 26.33 -36.53 -2.76
C GLU B 338 27.47 -35.78 -3.41
N TYR B 339 27.35 -34.47 -3.66
CA TYR B 339 28.46 -33.70 -4.21
C TYR B 339 29.04 -32.68 -3.25
N PHE B 340 28.32 -32.32 -2.19
CA PHE B 340 28.78 -31.29 -1.27
C PHE B 340 28.51 -31.72 0.17
N ASP B 341 29.18 -31.04 1.08
CA ASP B 341 28.96 -31.21 2.50
C ASP B 341 27.98 -30.16 3.01
N LYS B 342 27.37 -30.45 4.16
CA LYS B 342 26.51 -29.51 4.86
C LYS B 342 27.19 -28.17 5.09
N THR B 343 28.52 -28.14 5.09
CA THR B 343 29.27 -26.94 5.47
C THR B 343 29.69 -26.10 4.28
N GLU B 344 29.59 -26.63 3.07
CA GLU B 344 29.90 -25.87 1.87
C GLU B 344 28.74 -24.96 1.47
N ASN B 345 29.04 -23.69 1.23
CA ASN B 345 28.02 -22.70 0.91
C ASN B 345 27.65 -22.77 -0.56
N LEU B 346 26.52 -23.42 -0.86
CA LEU B 346 26.11 -23.63 -2.25
C LEU B 346 25.80 -22.32 -2.96
N PRO B 347 25.02 -21.39 -2.38
CA PRO B 347 24.81 -20.11 -3.06
C PRO B 347 26.10 -19.45 -3.50
N ILE B 348 27.08 -19.36 -2.60
CA ILE B 348 28.36 -18.76 -2.94
C ILE B 348 29.10 -19.59 -3.99
N PHE B 349 29.06 -20.92 -3.88
CA PHE B 349 29.77 -21.74 -4.85
C PHE B 349 29.27 -21.47 -6.27
N PHE B 350 27.95 -21.50 -6.46
CA PHE B 350 27.41 -21.37 -7.81
C PHE B 350 27.49 -19.94 -8.32
N ALA B 351 27.49 -18.96 -7.41
CA ALA B 351 27.78 -17.60 -7.80
C ALA B 351 29.17 -17.52 -8.43
N ASN B 352 30.20 -17.95 -7.68
CA ASN B 352 31.58 -17.82 -8.12
C ASN B 352 31.97 -18.84 -9.17
N LYS B 353 31.42 -20.05 -9.14
CA LYS B 353 31.95 -21.09 -10.00
C LYS B 353 31.08 -21.39 -11.21
N ALA B 354 29.79 -21.05 -11.18
CA ALA B 354 28.94 -21.30 -12.33
C ALA B 354 28.31 -20.04 -12.87
N GLY B 355 28.48 -18.90 -12.22
CA GLY B 355 27.76 -17.72 -12.66
C GLY B 355 26.27 -17.93 -12.72
N VAL B 356 25.71 -18.61 -11.72
CA VAL B 356 24.28 -18.71 -11.52
C VAL B 356 23.98 -18.25 -10.11
N LEU B 357 23.04 -17.33 -9.97
CA LEU B 357 22.54 -16.93 -8.66
C LEU B 357 21.37 -17.84 -8.31
N LEU B 358 21.49 -18.59 -7.22
CA LEU B 358 20.45 -19.51 -6.80
C LEU B 358 20.28 -19.44 -5.28
N GLU B 359 19.19 -20.03 -4.79
CA GLU B 359 19.05 -20.14 -3.35
C GLU B 359 19.38 -21.56 -2.96
N GLY B 360 19.73 -21.75 -1.70
CA GLY B 360 20.05 -23.09 -1.25
C GLY B 360 20.47 -23.11 0.19
N GLY B 361 20.78 -24.33 0.66
CA GLY B 361 21.26 -24.48 2.01
C GLY B 361 20.27 -23.98 3.04
N ASN B 362 20.80 -23.31 4.07
CA ASN B 362 20.00 -22.88 5.23
C ASN B 362 19.16 -21.65 4.98
N MET B 363 18.90 -21.28 3.73
CA MET B 363 17.98 -20.20 3.40
C MET B 363 16.53 -20.55 3.63
N PHE B 364 16.21 -21.78 4.01
CA PHE B 364 14.86 -22.23 4.27
C PHE B 364 14.67 -22.73 5.71
N VAL B 365 15.23 -21.98 6.67
CA VAL B 365 15.09 -22.20 8.11
C VAL B 365 15.89 -23.42 8.56
N GLN B 366 15.47 -24.61 8.15
CA GLN B 366 16.22 -25.84 8.42
C GLN B 366 15.70 -26.94 7.50
N ASN B 367 16.31 -28.12 7.62
CA ASN B 367 15.92 -29.32 6.86
C ASN B 367 16.17 -29.12 5.36
N SER B 368 17.29 -28.45 5.03
CA SER B 368 17.63 -28.17 3.64
C SER B 368 19.15 -28.20 3.40
N ASP B 369 19.89 -29.03 4.13
CA ASP B 369 21.32 -29.15 3.85
C ASP B 369 21.56 -29.65 2.44
N CYS B 370 22.49 -29.00 1.76
CA CYS B 370 22.99 -29.42 0.45
C CYS B 370 21.91 -29.32 -0.64
N PHE B 371 20.83 -28.59 -0.39
CA PHE B 371 19.80 -28.37 -1.40
C PHE B 371 20.04 -27.05 -2.11
N ILE B 372 19.76 -27.05 -3.41
CA ILE B 372 19.61 -25.80 -4.14
C ILE B 372 18.21 -25.79 -4.72
N ARG B 373 17.69 -24.58 -4.90
CA ARG B 373 16.39 -24.37 -5.53
C ARG B 373 16.61 -23.59 -6.81
N LEU B 374 16.02 -24.08 -7.89
CA LEU B 374 16.19 -23.53 -9.24
C LEU B 374 14.89 -22.93 -9.73
N ASN B 375 14.96 -21.70 -10.25
CA ASN B 375 13.79 -21.09 -10.86
C ASN B 375 13.67 -21.55 -12.32
N LEU B 376 12.59 -22.27 -12.64
CA LEU B 376 12.33 -22.73 -14.00
C LEU B 376 11.32 -21.86 -14.72
N ALA B 377 10.95 -20.71 -14.16
CA ALA B 377 9.97 -19.85 -14.79
C ALA B 377 10.66 -18.88 -15.74
N CYS B 378 11.30 -19.45 -16.74
CA CYS B 378 12.06 -18.69 -17.72
C CYS B 378 12.04 -19.47 -19.03
N PRO B 379 12.38 -18.83 -20.16
CA PRO B 379 12.46 -19.55 -21.42
C PRO B 379 13.37 -20.77 -21.31
N LYS B 380 12.99 -21.83 -22.02
CA LYS B 380 13.75 -23.07 -21.98
C LYS B 380 15.23 -22.88 -22.34
N SER B 381 15.54 -21.96 -23.26
CA SER B 381 16.94 -21.75 -23.63
C SER B 381 17.73 -21.17 -22.46
N ILE B 382 17.13 -20.23 -21.73
CA ILE B 382 17.80 -19.66 -20.56
C ILE B 382 17.97 -20.73 -19.49
N LEU B 383 16.99 -21.61 -19.36
CA LEU B 383 17.10 -22.67 -18.38
C LEU B 383 18.21 -23.65 -18.78
N GLU B 384 18.29 -23.97 -20.06
CA GLU B 384 19.37 -24.86 -20.51
C GLU B 384 20.74 -24.25 -20.21
N LYS B 385 20.92 -22.97 -20.52
CA LYS B 385 22.18 -22.31 -20.20
C LYS B 385 22.48 -22.41 -18.71
N GLY B 386 21.48 -22.12 -17.87
CA GLY B 386 21.69 -22.19 -16.43
C GLY B 386 22.05 -23.58 -15.94
N LEU B 387 21.31 -24.59 -16.42
CA LEU B 387 21.60 -25.97 -16.01
C LEU B 387 23.00 -26.39 -16.44
N LYS B 388 23.37 -26.08 -17.69
CA LYS B 388 24.71 -26.40 -18.17
C LYS B 388 25.78 -25.78 -17.28
N ARG B 389 25.61 -24.51 -16.90
CA ARG B 389 26.60 -23.88 -16.03
C ARG B 389 26.68 -24.58 -14.69
N ILE B 390 25.54 -24.95 -14.12
CA ILE B 390 25.51 -25.60 -12.80
C ILE B 390 26.22 -26.94 -12.88
N CYS B 391 25.87 -27.77 -13.87
CA CYS B 391 26.46 -29.11 -13.97
C CYS B 391 27.96 -29.04 -14.20
N LYS B 392 28.40 -28.17 -15.11
CA LYS B 392 29.83 -27.99 -15.36
C LYS B 392 30.58 -27.61 -14.07
N ALA B 393 30.01 -26.73 -13.26
CA ALA B 393 30.74 -26.26 -12.08
C ALA B 393 30.83 -27.36 -11.02
N VAL B 394 29.78 -28.17 -10.90
CA VAL B 394 29.81 -29.25 -9.92
C VAL B 394 30.71 -30.38 -10.40
N ASN B 395 30.57 -30.76 -11.67
CA ASN B 395 31.40 -31.85 -12.21
C ASN B 395 32.89 -31.50 -12.13
N GLU B 396 33.26 -30.29 -12.54
CA GLU B 396 34.65 -29.87 -12.41
C GLU B 396 35.10 -29.71 -10.97
N LYS B 397 34.18 -29.68 -10.01
CA LYS B 397 34.59 -29.74 -8.61
C LYS B 397 34.95 -31.17 -8.25
#